data_9ECC
#
_entry.id   9ECC
#
_cell.length_a   1.00
_cell.length_b   1.00
_cell.length_c   1.00
_cell.angle_alpha   90.00
_cell.angle_beta   90.00
_cell.angle_gamma   90.00
#
_symmetry.space_group_name_H-M   'P 1'
#
loop_
_entity.id
_entity.type
_entity.pdbx_description
1 polymer EsCas13d
2 polymer crRNA
3 polymer 'Target RNA'
4 non-polymer 'MAGNESIUM ION'
#
loop_
_entity_poly.entity_id
_entity_poly.type
_entity_poly.pdbx_seq_one_letter_code
_entity_poly.pdbx_strand_id
1 'polypeptide(L)'
;MGKKIHARDLREQRKTDRTEKFADQNKKREAERAVPKKDAAVSVKSVSSVSSKKDNVTKSMAKAAGVKSVFAVGNTVYMT
SFGRGNDAVLEQKIVDTSHEPLNIDDPAYQLNVVTMNGYSVTGHRGETVSAVTDNPLRRFNGRKKDEPEQSVPTDMLCLK
PTLEKKFFGKEFDDNIHIQLIYNILDIEKILAVYSTNAIYALNNMSADENIENSDFFMKRTTDETFDDFEKKKESTNSRE
KADFDAFEKFIGNYRLAYFADAFYVNKKNPKGKAKNVLREDKELYSVLTLIGKLRHWCVHSEEGRAEFWLYKLDELKDDF
KNVLDVVYNRPVEEINNRFIENNKVNIQILGSVYKNTDIAELVRSYYEFLITKKYKNMGFSIKKLRESMLEGKGYADKEY
DSVRNKLYQMTDFILYTGYINEDSDRADDLVNTLRSSLKEDDKTTVYCKEADYLWKKYRESIREVADALDGDNIKKLSKS
NIEIQEDKLRKCFISYADSVSEFTKLIYLLTRFLSGKEINDLVTTLINKFDNIRSFLEIMDELGLDRTFTAEYSFFEGST
KYLAELVELNSFVKSCSFDINAKRTMYRDALDILGIESDKTEEDIEKMIDNILQIDANGDKKLKKNNGLRNFIASNVIDS
NRFKYLVRYGNPKKIRETAKCKPAVRFVLNEIPDAQIERYYEACCPKNTALCSANKRREKLADMIAEIKFENFSDAGNYQ
KANVTSRTSEAEIKRKNQAIIRLYLTVMYIMLKNLVNVNARYVIAFHCVERDTKLYAESGLEVGNIEKNKTNLTMAVMGV
KLENGIIKTEFDKSFAENAANRYLRNARWYKLILDNLKKSERAVVNEFRNTVCHLNAIRNININIKEIKEVENYFALYHY
LIQKHLENRFADKKVERDTGDFISKLEEHKTYCKDFVKAYCTPFGYNLVRYKNLTIDGLFDKNYPGKDDSDEQK
;
A
2 'polyribonucleotide' CACCCGUGCAAAAAUGCAGGGGUCUAAAACUGAGCGGAUAACCUCUCUAUGG B
3 'polyribonucleotide' CGUACCAUAGAGAGGUGAUCCGCUCACCGA C
#
# COMPACT_ATOMS: atom_id res chain seq x y z
N THR A 58 -3.69 20.81 -13.45
CA THR A 58 -4.76 20.18 -14.22
C THR A 58 -4.30 18.87 -14.83
N LYS A 59 -5.26 18.03 -15.22
CA LYS A 59 -4.94 16.77 -15.88
C LYS A 59 -4.35 17.04 -17.25
N SER A 60 -3.49 16.11 -17.70
CA SER A 60 -2.80 16.28 -18.97
C SER A 60 -3.78 16.23 -20.12
N MET A 61 -3.67 17.21 -21.03
CA MET A 61 -4.54 17.24 -22.19
C MET A 61 -4.25 16.09 -23.14
N ALA A 62 -3.00 15.65 -23.22
CA ALA A 62 -2.65 14.53 -24.08
C ALA A 62 -3.35 13.25 -23.62
N LYS A 63 -3.38 13.03 -22.30
CA LYS A 63 -4.08 11.85 -21.79
C LYS A 63 -5.57 11.95 -22.02
N ALA A 64 -6.11 13.18 -22.02
CA ALA A 64 -7.52 13.37 -22.34
C ALA A 64 -7.80 12.98 -23.78
N ALA A 65 -6.89 13.29 -24.69
CA ALA A 65 -7.06 12.92 -26.09
C ALA A 65 -6.86 11.44 -26.34
N GLY A 66 -6.37 10.70 -25.36
CA GLY A 66 -6.20 9.27 -25.51
C GLY A 66 -4.79 8.80 -25.79
N VAL A 67 -3.78 9.67 -25.68
CA VAL A 67 -2.40 9.29 -25.92
C VAL A 67 -1.89 8.60 -24.66
N LYS A 68 -1.89 7.25 -24.68
CA LYS A 68 -1.50 6.50 -23.50
C LYS A 68 -0.01 6.58 -23.23
N SER A 69 0.81 6.39 -24.26
CA SER A 69 2.25 6.46 -24.10
C SER A 69 2.87 6.82 -25.45
N VAL A 70 4.10 7.33 -25.40
CA VAL A 70 4.86 7.69 -26.59
C VAL A 70 6.18 6.94 -26.50
N PHE A 71 6.24 5.75 -27.07
CA PHE A 71 7.45 4.94 -27.02
C PHE A 71 8.44 5.36 -28.10
N ALA A 72 9.68 4.94 -27.91
CA ALA A 72 10.74 5.15 -28.90
C ALA A 72 11.52 3.85 -29.09
N VAL A 73 11.69 3.46 -30.35
CA VAL A 73 12.43 2.24 -30.70
C VAL A 73 13.40 2.63 -31.81
N GLY A 74 14.68 2.67 -31.49
CA GLY A 74 15.67 3.08 -32.48
C GLY A 74 15.41 4.48 -32.96
N ASN A 75 15.30 4.64 -34.28
CA ASN A 75 14.96 5.92 -34.88
C ASN A 75 13.46 6.10 -35.11
N THR A 76 12.64 5.24 -34.51
CA THR A 76 11.19 5.28 -34.67
C THR A 76 10.54 5.63 -33.34
N VAL A 77 9.38 6.28 -33.42
CA VAL A 77 8.59 6.63 -32.25
C VAL A 77 7.18 6.09 -32.44
N TYR A 78 6.68 5.40 -31.42
CA TYR A 78 5.39 4.73 -31.47
C TYR A 78 4.44 5.34 -30.45
N MET A 79 3.19 5.54 -30.86
CA MET A 79 2.15 6.10 -30.01
C MET A 79 1.05 5.07 -29.82
N THR A 80 0.53 5.00 -28.60
CA THR A 80 -0.48 4.03 -28.21
C THR A 80 -1.72 4.72 -27.67
N SER A 81 -2.84 4.02 -27.74
CA SER A 81 -4.11 4.52 -27.25
C SER A 81 -4.68 3.59 -26.19
N PHE A 82 -5.70 4.07 -25.50
CA PHE A 82 -6.31 3.31 -24.42
C PHE A 82 -7.33 2.32 -24.98
N GLY A 83 -7.15 1.05 -24.65
CA GLY A 83 -8.12 0.02 -24.96
C GLY A 83 -8.98 -0.31 -23.76
N ARG A 84 -9.46 -1.55 -23.71
CA ARG A 84 -10.20 -2.01 -22.55
C ARG A 84 -9.27 -2.16 -21.35
N GLY A 85 -9.67 -1.57 -20.23
CA GLY A 85 -8.84 -1.63 -19.04
C GLY A 85 -7.49 -0.98 -19.26
N ASN A 86 -6.44 -1.67 -18.86
CA ASN A 86 -5.07 -1.18 -18.98
C ASN A 86 -4.39 -1.66 -20.26
N ASP A 87 -5.12 -2.31 -21.16
CA ASP A 87 -4.53 -2.74 -22.41
C ASP A 87 -4.19 -1.54 -23.29
N ALA A 88 -3.23 -1.74 -24.19
CA ALA A 88 -2.75 -0.68 -25.06
C ALA A 88 -2.86 -1.13 -26.51
N VAL A 89 -3.25 -0.20 -27.38
CA VAL A 89 -3.39 -0.45 -28.81
C VAL A 89 -2.46 0.48 -29.55
N LEU A 90 -1.64 -0.08 -30.45
CA LEU A 90 -0.73 0.72 -31.25
C LEU A 90 -1.51 1.52 -32.28
N GLU A 91 -1.20 2.82 -32.37
CA GLU A 91 -1.96 3.73 -33.23
C GLU A 91 -1.13 4.29 -34.38
N GLN A 92 -0.02 4.94 -34.08
CA GLN A 92 0.75 5.65 -35.10
C GLN A 92 2.23 5.35 -34.91
N LYS A 93 2.95 5.31 -36.02
CA LYS A 93 4.41 5.25 -36.01
C LYS A 93 4.96 6.40 -36.86
N ILE A 94 5.98 7.07 -36.35
CA ILE A 94 6.55 8.24 -36.98
C ILE A 94 8.04 8.01 -37.19
N VAL A 95 8.50 8.24 -38.42
CA VAL A 95 9.92 8.15 -38.74
C VAL A 95 10.36 9.45 -39.40
N ASP A 96 10.84 10.40 -38.61
CA ASP A 96 11.37 11.66 -39.12
C ASP A 96 10.34 12.39 -39.98
N THR A 97 9.25 12.82 -39.33
CA THR A 97 8.16 13.56 -39.97
C THR A 97 7.41 12.75 -41.01
N SER A 98 7.67 11.46 -41.09
CA SER A 98 6.87 10.57 -41.91
C SER A 98 6.08 9.61 -41.03
N HIS A 99 4.76 9.57 -41.24
CA HIS A 99 3.91 8.79 -40.34
C HIS A 99 3.00 7.87 -41.14
N GLU A 100 2.64 6.74 -40.52
CA GLU A 100 1.85 5.68 -41.15
C GLU A 100 0.97 5.09 -40.04
N PRO A 101 -0.34 5.35 -40.05
CA PRO A 101 -1.18 4.87 -38.95
C PRO A 101 -1.28 3.35 -38.91
N LEU A 102 -1.45 2.83 -37.69
CA LEU A 102 -1.46 1.40 -37.42
C LEU A 102 -2.83 0.84 -37.07
N ASN A 103 -3.69 1.62 -36.42
CA ASN A 103 -5.04 1.19 -36.07
C ASN A 103 -6.03 1.97 -36.93
N ILE A 104 -6.83 1.25 -37.71
CA ILE A 104 -7.67 1.87 -38.72
C ILE A 104 -9.15 1.60 -38.42
N ASP A 105 -9.43 0.48 -37.74
CA ASP A 105 -10.81 0.09 -37.50
C ASP A 105 -11.56 1.12 -36.66
N ASP A 106 -10.94 1.60 -35.58
CA ASP A 106 -11.57 2.58 -34.71
C ASP A 106 -10.48 3.47 -34.10
N PRO A 107 -9.97 4.42 -34.89
CA PRO A 107 -8.89 5.28 -34.38
C PRO A 107 -9.34 6.08 -33.16
N ALA A 108 -8.42 6.24 -32.21
CA ALA A 108 -8.70 7.09 -31.06
C ALA A 108 -8.33 8.54 -31.32
N TYR A 109 -7.33 8.78 -32.16
CA TYR A 109 -6.88 10.13 -32.45
C TYR A 109 -6.16 10.14 -33.80
N GLN A 110 -5.97 11.34 -34.33
CA GLN A 110 -5.26 11.51 -35.59
C GLN A 110 -4.25 12.64 -35.46
N LEU A 111 -3.14 12.50 -36.18
CA LEU A 111 -2.07 13.50 -36.17
C LEU A 111 -2.40 14.59 -37.18
N ASN A 112 -2.27 15.85 -36.75
CA ASN A 112 -2.51 16.95 -37.68
C ASN A 112 -1.21 17.53 -38.22
N VAL A 113 -0.33 18.00 -37.34
CA VAL A 113 0.95 18.55 -37.76
C VAL A 113 2.05 17.83 -37.00
N VAL A 114 3.02 17.31 -37.75
CA VAL A 114 4.12 16.52 -37.18
C VAL A 114 5.43 17.24 -37.45
N THR A 115 6.13 17.62 -36.38
CA THR A 115 7.46 18.19 -36.48
C THR A 115 8.41 17.36 -35.63
N MET A 116 9.71 17.57 -35.85
CA MET A 116 10.71 16.79 -35.13
C MET A 116 10.66 17.02 -33.63
N ASN A 117 10.14 18.16 -33.18
CA ASN A 117 10.10 18.49 -31.76
C ASN A 117 8.71 18.42 -31.16
N GLY A 118 7.72 17.92 -31.88
CA GLY A 118 6.38 17.84 -31.32
C GLY A 118 5.35 17.20 -32.23
N TYR A 119 4.35 16.55 -31.63
CA TYR A 119 3.26 15.91 -32.34
C TYR A 119 1.94 16.47 -31.83
N SER A 120 1.03 16.78 -32.76
CA SER A 120 -0.25 17.38 -32.44
C SER A 120 -1.37 16.37 -32.69
N VAL A 121 -2.27 16.24 -31.71
CA VAL A 121 -3.39 15.31 -31.78
C VAL A 121 -4.67 16.04 -31.42
N THR A 122 -5.81 15.44 -31.79
CA THR A 122 -7.11 16.00 -31.47
C THR A 122 -8.08 15.02 -30.82
N GLY A 123 -7.95 13.72 -31.04
CA GLY A 123 -8.83 12.76 -30.42
C GLY A 123 -10.19 12.67 -31.07
N HIS A 124 -10.76 11.47 -31.10
CA HIS A 124 -12.07 11.24 -31.69
C HIS A 124 -13.13 10.83 -30.68
N ARG A 125 -12.74 10.35 -29.50
CA ARG A 125 -13.68 9.82 -28.53
C ARG A 125 -13.88 10.81 -27.40
N GLY A 126 -15.12 10.91 -26.91
CA GLY A 126 -15.43 11.88 -25.89
C GLY A 126 -15.28 13.30 -26.41
N GLU A 127 -14.87 14.20 -25.53
CA GLU A 127 -14.61 15.57 -25.94
C GLU A 127 -13.40 15.61 -26.87
N THR A 128 -13.56 16.27 -28.01
CA THR A 128 -12.47 16.40 -28.98
C THR A 128 -11.48 17.46 -28.48
N VAL A 129 -10.52 17.00 -27.68
CA VAL A 129 -9.56 17.89 -27.05
C VAL A 129 -8.24 17.84 -27.83
N SER A 130 -7.75 19.01 -28.23
CA SER A 130 -6.48 19.09 -28.94
C SER A 130 -5.32 19.15 -27.96
N ALA A 131 -4.22 18.50 -28.33
CA ALA A 131 -3.07 18.40 -27.43
C ALA A 131 -1.81 18.24 -28.25
N VAL A 132 -0.67 18.47 -27.59
CA VAL A 132 0.65 18.34 -28.20
C VAL A 132 1.51 17.44 -27.32
N THR A 133 2.23 16.53 -27.96
CA THR A 133 3.09 15.58 -27.27
C THR A 133 4.52 15.76 -27.75
N ASP A 134 5.48 15.65 -26.84
CA ASP A 134 6.88 15.88 -27.18
C ASP A 134 7.55 14.58 -27.63
N ASN A 135 8.38 14.70 -28.66
CA ASN A 135 9.09 13.55 -29.20
C ASN A 135 10.08 13.03 -28.18
N PRO A 136 10.01 11.76 -27.79
CA PRO A 136 10.96 11.23 -26.80
C PRO A 136 12.40 11.25 -27.27
N LEU A 137 12.64 11.20 -28.58
CA LEU A 137 14.01 11.17 -29.08
C LEU A 137 14.71 12.51 -28.96
N ARG A 138 13.98 13.60 -28.74
CA ARG A 138 14.58 14.91 -28.54
C ARG A 138 14.85 15.23 -27.08
N ARG A 139 14.58 14.30 -26.18
CA ARG A 139 14.83 14.52 -24.76
C ARG A 139 16.33 14.69 -24.51
N PHE A 140 16.66 15.61 -23.60
CA PHE A 140 18.03 15.97 -23.26
C PHE A 140 18.84 16.42 -24.47
N ASN A 141 18.19 16.79 -25.57
CA ASN A 141 18.91 17.12 -26.80
C ASN A 141 18.31 18.34 -27.49
N GLY A 142 17.79 19.28 -26.72
CA GLY A 142 17.09 20.42 -27.26
C GLY A 142 17.98 21.62 -27.49
N ARG A 143 17.36 22.80 -27.41
CA ARG A 143 18.06 24.05 -27.68
C ARG A 143 19.12 24.31 -26.62
N LYS A 144 20.14 25.09 -27.01
CA LYS A 144 21.22 25.52 -26.13
C LYS A 144 22.15 24.36 -25.79
N LYS A 145 21.83 23.16 -26.27
CA LYS A 145 22.70 22.00 -26.12
C LYS A 145 23.67 21.82 -27.29
N ASP A 146 23.97 22.90 -28.01
CA ASP A 146 24.89 22.87 -29.15
C ASP A 146 24.38 21.94 -30.25
N GLU A 147 23.06 21.86 -30.40
CA GLU A 147 22.42 21.05 -31.43
C GLU A 147 22.94 19.61 -31.47
N PRO A 148 22.69 18.82 -30.43
CA PRO A 148 23.20 17.46 -30.40
C PRO A 148 22.35 16.51 -31.25
N GLU A 149 22.77 15.25 -31.28
CA GLU A 149 22.11 14.27 -32.12
C GLU A 149 20.79 13.81 -31.49
N GLN A 150 19.98 13.14 -32.31
CA GLN A 150 18.70 12.63 -31.88
C GLN A 150 18.84 11.17 -31.46
N SER A 151 18.54 10.87 -30.19
CA SER A 151 18.86 9.56 -29.64
C SER A 151 17.86 9.17 -28.57
N VAL A 152 17.95 7.91 -28.15
CA VAL A 152 17.04 7.34 -27.16
C VAL A 152 17.42 7.87 -25.77
N PRO A 153 16.48 8.25 -24.94
CA PRO A 153 16.82 8.84 -23.63
C PRO A 153 17.17 7.79 -22.59
N THR A 154 17.80 8.26 -21.52
CA THR A 154 18.16 7.42 -20.39
C THR A 154 17.45 7.88 -19.12
N ASP A 155 17.44 7.01 -18.12
CA ASP A 155 16.81 7.34 -16.86
C ASP A 155 17.68 8.33 -16.08
N MET A 156 17.06 8.97 -15.08
CA MET A 156 17.73 10.04 -14.36
C MET A 156 18.93 9.54 -13.56
N LEU A 157 18.90 8.29 -13.12
CA LEU A 157 20.01 7.69 -12.39
C LEU A 157 21.13 7.19 -13.30
N CYS A 158 20.92 7.22 -14.62
CA CYS A 158 21.85 6.65 -15.60
C CYS A 158 22.10 5.16 -15.34
N LEU A 159 21.09 4.47 -14.82
CA LEU A 159 21.18 3.04 -14.58
C LEU A 159 20.45 2.20 -15.61
N LYS A 160 19.96 2.82 -16.70
CA LYS A 160 19.28 2.08 -17.75
C LYS A 160 20.10 0.96 -18.37
N PRO A 161 21.39 1.14 -18.72
CA PRO A 161 22.15 0.01 -19.27
C PRO A 161 22.32 -1.13 -18.28
N THR A 162 22.57 -0.83 -17.01
CA THR A 162 22.81 -1.89 -16.04
C THR A 162 21.52 -2.60 -15.66
N LEU A 163 20.43 -1.85 -15.48
CA LEU A 163 19.17 -2.46 -15.09
C LEU A 163 18.66 -3.40 -16.17
N GLU A 164 18.77 -2.99 -17.44
CA GLU A 164 18.34 -3.84 -18.54
C GLU A 164 19.18 -5.11 -18.62
N LYS A 165 20.49 -4.97 -18.41
CA LYS A 165 21.40 -6.10 -18.46
C LYS A 165 21.21 -7.07 -17.29
N LYS A 166 20.47 -6.67 -16.25
CA LYS A 166 20.23 -7.53 -15.11
C LYS A 166 18.97 -8.37 -15.27
N PHE A 167 17.84 -7.71 -15.57
CA PHE A 167 16.59 -8.42 -15.79
C PHE A 167 16.52 -9.12 -17.13
N PHE A 168 17.10 -8.54 -18.17
CA PHE A 168 17.24 -9.18 -19.47
C PHE A 168 18.71 -9.43 -19.74
N GLY A 169 18.97 -10.14 -20.83
CA GLY A 169 20.34 -10.56 -21.12
C GLY A 169 21.21 -9.54 -21.83
N LYS A 170 20.64 -8.46 -22.34
CA LYS A 170 21.42 -7.56 -23.18
C LYS A 170 20.88 -6.15 -23.07
N GLU A 171 21.72 -5.19 -23.46
CA GLU A 171 21.29 -3.81 -23.61
C GLU A 171 20.28 -3.71 -24.75
N PHE A 172 19.32 -2.81 -24.59
CA PHE A 172 18.26 -2.64 -25.56
C PHE A 172 18.19 -1.19 -26.00
N ASP A 173 18.05 -0.98 -27.30
CA ASP A 173 17.99 0.37 -27.88
C ASP A 173 16.57 0.92 -27.92
N ASP A 174 15.89 0.95 -26.78
CA ASP A 174 14.54 1.45 -26.68
C ASP A 174 14.22 1.73 -25.22
N ASN A 175 13.09 2.39 -24.98
CA ASN A 175 12.72 2.82 -23.64
C ASN A 175 11.47 2.12 -23.12
N ILE A 176 11.09 0.99 -23.71
CA ILE A 176 9.92 0.26 -23.20
C ILE A 176 10.30 -0.61 -22.01
N HIS A 177 11.48 -1.24 -22.07
CA HIS A 177 11.86 -2.21 -21.05
C HIS A 177 12.11 -1.53 -19.70
N ILE A 178 12.63 -0.30 -19.73
CA ILE A 178 12.96 0.38 -18.49
C ILE A 178 11.72 0.63 -17.65
N GLN A 179 10.57 0.85 -18.29
CA GLN A 179 9.35 1.06 -17.52
C GLN A 179 8.91 -0.23 -16.82
N LEU A 180 9.03 -1.36 -17.51
CA LEU A 180 8.75 -2.65 -16.87
C LEU A 180 9.68 -2.89 -15.69
N ILE A 181 10.97 -2.58 -15.87
CA ILE A 181 11.92 -2.77 -14.78
C ILE A 181 11.58 -1.88 -13.60
N TYR A 182 11.18 -0.64 -13.87
CA TYR A 182 10.83 0.27 -12.79
C TYR A 182 9.54 -0.16 -12.09
N ASN A 183 8.62 -0.79 -12.81
CA ASN A 183 7.43 -1.33 -12.14
C ASN A 183 7.79 -2.49 -11.23
N ILE A 184 8.73 -3.36 -11.66
CA ILE A 184 9.21 -4.41 -10.78
C ILE A 184 9.85 -3.82 -9.53
N LEU A 185 10.65 -2.76 -9.73
CA LEU A 185 11.27 -2.08 -8.60
C LEU A 185 10.22 -1.50 -7.66
N ASP A 186 9.12 -1.00 -8.21
CA ASP A 186 8.04 -0.49 -7.37
C ASP A 186 7.38 -1.61 -6.56
N ILE A 187 7.22 -2.79 -7.16
CA ILE A 187 6.70 -3.93 -6.41
C ILE A 187 7.59 -4.25 -5.23
N GLU A 188 8.91 -4.31 -5.47
CA GLU A 188 9.83 -4.56 -4.35
C GLU A 188 9.76 -3.45 -3.32
N LYS A 189 9.63 -2.20 -3.77
CA LYS A 189 9.58 -1.07 -2.85
C LYS A 189 8.38 -1.16 -1.92
N ILE A 190 7.21 -1.46 -2.46
CA ILE A 190 6.02 -1.53 -1.62
C ILE A 190 6.09 -2.74 -0.69
N LEU A 191 6.64 -3.86 -1.18
CA LEU A 191 6.81 -5.01 -0.31
C LEU A 191 7.73 -4.69 0.86
N ALA A 192 8.75 -3.86 0.64
CA ALA A 192 9.63 -3.46 1.74
C ALA A 192 8.85 -2.73 2.83
N VAL A 193 8.03 -1.76 2.43
CA VAL A 193 7.25 -0.98 3.40
C VAL A 193 6.32 -1.88 4.20
N TYR A 194 5.58 -2.75 3.50
CA TYR A 194 4.58 -3.53 4.23
C TYR A 194 5.16 -4.79 4.84
N SER A 195 6.46 -5.05 4.63
CA SER A 195 7.11 -6.13 5.35
C SER A 195 7.83 -5.63 6.59
N THR A 196 8.41 -4.43 6.56
CA THR A 196 9.06 -3.93 7.76
C THR A 196 8.06 -3.63 8.86
N ASN A 197 6.80 -3.37 8.50
CA ASN A 197 5.78 -3.14 9.52
C ASN A 197 5.34 -4.44 10.17
N ALA A 198 5.34 -5.53 9.40
CA ALA A 198 4.88 -6.81 9.94
C ALA A 198 5.80 -7.30 11.05
N ILE A 199 7.11 -7.26 10.82
CA ILE A 199 8.05 -7.72 11.84
C ILE A 199 7.96 -6.84 13.08
N TYR A 200 7.63 -5.56 12.90
CA TYR A 200 7.46 -4.68 14.05
C TYR A 200 6.31 -5.15 14.93
N ALA A 201 5.25 -5.68 14.33
CA ALA A 201 4.14 -6.21 15.12
C ALA A 201 4.59 -7.39 15.97
N LEU A 202 5.39 -8.29 15.40
CA LEU A 202 5.88 -9.42 16.17
C LEU A 202 6.98 -9.01 17.15
N ASN A 203 7.62 -7.87 16.91
CA ASN A 203 8.60 -7.36 17.86
C ASN A 203 7.93 -6.63 19.02
N ASN A 204 6.77 -6.03 18.77
CA ASN A 204 6.10 -5.23 19.79
C ASN A 204 5.67 -6.08 20.98
N MET A 205 5.21 -7.30 20.71
CA MET A 205 4.69 -8.16 21.77
C MET A 205 5.76 -8.57 22.77
N SER A 206 7.04 -8.38 22.45
CA SER A 206 8.10 -8.72 23.39
C SER A 206 8.03 -7.85 24.64
N ALA A 207 7.69 -6.57 24.48
CA ALA A 207 7.57 -5.63 25.59
C ALA A 207 8.84 -5.61 26.46
N ASP A 215 18.67 -9.45 16.79
CA ASP A 215 17.68 -10.17 17.58
C ASP A 215 17.18 -11.42 16.86
N PHE A 216 16.05 -11.96 17.33
CA PHE A 216 15.55 -13.21 16.78
C PHE A 216 15.01 -13.03 15.38
N PHE A 217 14.20 -12.00 15.15
CA PHE A 217 13.52 -11.86 13.87
C PHE A 217 14.48 -11.43 12.76
N MET A 218 15.57 -10.76 13.11
CA MET A 218 16.61 -10.53 12.14
C MET A 218 17.38 -11.83 11.89
N LYS A 219 18.10 -11.86 10.77
CA LYS A 219 19.00 -12.96 10.42
C LYS A 219 18.32 -14.33 10.53
N ARG A 220 17.03 -14.37 10.22
CA ARG A 220 16.26 -15.61 10.21
C ARG A 220 16.05 -16.03 8.76
N THR A 221 16.62 -17.17 8.38
CA THR A 221 16.69 -17.58 6.98
C THR A 221 15.94 -18.88 6.76
N THR A 222 15.57 -19.14 5.50
CA THR A 222 14.69 -20.25 5.14
C THR A 222 15.43 -21.54 4.80
N ASP A 223 16.76 -21.57 4.91
CA ASP A 223 17.47 -22.83 4.72
C ASP A 223 17.60 -23.62 6.01
N GLU A 224 17.05 -23.12 7.11
CA GLU A 224 17.11 -23.79 8.40
C GLU A 224 15.74 -24.36 8.74
N THR A 225 15.56 -25.66 8.51
CA THR A 225 14.33 -26.34 8.84
C THR A 225 14.23 -26.54 10.35
N PHE A 226 12.99 -26.56 10.85
CA PHE A 226 12.78 -26.71 12.29
C PHE A 226 13.41 -27.98 12.84
N ASP A 227 13.59 -28.99 11.99
CA ASP A 227 14.31 -30.20 12.44
C ASP A 227 15.75 -29.88 12.79
N ASP A 228 16.30 -28.81 12.24
CA ASP A 228 17.64 -28.35 12.57
C ASP A 228 17.60 -27.38 13.74
N PHE A 229 16.57 -26.53 13.79
CA PHE A 229 16.48 -25.52 14.83
C PHE A 229 16.39 -26.14 16.22
N GLU A 230 15.68 -27.27 16.35
CA GLU A 230 15.55 -27.90 17.65
C GLU A 230 16.89 -28.37 18.19
N LYS A 231 17.83 -28.72 17.31
CA LYS A 231 19.15 -29.15 17.75
C LYS A 231 19.91 -28.05 18.48
N LYS A 232 19.44 -26.81 18.35
CA LYS A 232 20.11 -25.67 18.96
C LYS A 232 19.83 -25.54 20.46
N LYS A 233 18.90 -26.34 20.99
CA LYS A 233 18.51 -26.20 22.39
C LYS A 233 19.66 -26.52 23.34
N GLU A 234 20.39 -27.60 23.08
CA GLU A 234 21.52 -28.00 23.93
C GLU A 234 22.85 -27.52 23.39
N SER A 235 22.85 -26.70 22.34
CA SER A 235 24.09 -26.21 21.76
C SER A 235 24.87 -25.40 22.79
N THR A 236 26.18 -25.65 22.85
CA THR A 236 27.02 -25.03 23.86
C THR A 236 27.38 -23.59 23.53
N ASN A 237 27.15 -23.14 22.30
CA ASN A 237 27.41 -21.75 21.95
C ASN A 237 26.28 -20.89 22.49
N SER A 238 26.62 -19.93 23.35
CA SER A 238 25.59 -19.14 24.02
C SER A 238 24.81 -18.30 23.03
N ARG A 239 25.46 -17.81 21.97
CA ARG A 239 24.78 -16.97 21.01
C ARG A 239 23.67 -17.72 20.27
N GLU A 240 23.77 -19.05 20.21
CA GLU A 240 22.75 -19.84 19.54
C GLU A 240 21.68 -20.30 20.53
N LYS A 241 22.09 -20.65 21.75
CA LYS A 241 21.10 -21.03 22.77
C LYS A 241 20.19 -19.86 23.09
N ALA A 242 20.75 -18.66 23.19
CA ALA A 242 19.92 -17.47 23.39
C ALA A 242 18.94 -17.28 22.23
N ASP A 243 19.36 -17.64 21.01
CA ASP A 243 18.44 -17.58 19.88
C ASP A 243 17.31 -18.58 20.01
N PHE A 244 17.60 -19.81 20.45
CA PHE A 244 16.53 -20.78 20.66
C PHE A 244 15.63 -20.37 21.83
N ASP A 245 16.24 -19.91 22.92
CA ASP A 245 15.45 -19.49 24.08
C ASP A 245 14.55 -18.31 23.74
N ALA A 246 14.94 -17.51 22.75
CA ALA A 246 14.05 -16.45 22.28
C ALA A 246 12.80 -17.03 21.64
N PHE A 247 12.94 -18.14 20.91
CA PHE A 247 11.78 -18.76 20.28
C PHE A 247 10.86 -19.38 21.32
N GLU A 248 11.44 -20.05 22.33
CA GLU A 248 10.63 -20.67 23.37
C GLU A 248 9.83 -19.61 24.12
N LYS A 249 10.44 -18.47 24.42
CA LYS A 249 9.75 -17.40 25.12
C LYS A 249 8.65 -16.80 24.25
N PHE A 250 8.88 -16.70 22.94
CA PHE A 250 7.94 -16.00 22.06
C PHE A 250 6.60 -16.72 21.97
N ILE A 251 6.62 -18.05 21.82
CA ILE A 251 5.39 -18.79 21.59
C ILE A 251 4.48 -18.84 22.80
N GLY A 252 5.00 -18.53 23.98
CA GLY A 252 4.17 -18.50 25.18
C GLY A 252 3.50 -17.19 25.45
N ASN A 253 3.64 -16.21 24.57
CA ASN A 253 3.09 -14.89 24.81
C ASN A 253 1.58 -14.90 24.58
N TYR A 254 0.84 -14.27 25.49
CA TYR A 254 -0.60 -14.17 25.32
C TYR A 254 -0.96 -13.24 24.17
N ARG A 255 -0.06 -12.31 23.83
CA ARG A 255 -0.31 -11.42 22.70
C ARG A 255 -0.29 -12.14 21.36
N LEU A 256 0.16 -13.40 21.34
CA LEU A 256 0.04 -14.21 20.14
C LEU A 256 -1.42 -14.53 19.83
N ALA A 257 -2.34 -14.25 20.76
CA ALA A 257 -3.76 -14.35 20.45
C ALA A 257 -4.14 -13.38 19.34
N TYR A 258 -3.59 -12.17 19.36
CA TYR A 258 -3.68 -11.32 18.19
C TYR A 258 -2.97 -11.99 17.02
N PHE A 259 -3.35 -11.60 15.80
CA PHE A 259 -2.92 -12.30 14.59
C PHE A 259 -3.35 -13.76 14.64
N ALA A 260 -4.63 -13.99 14.89
CA ALA A 260 -5.13 -15.35 15.14
C ALA A 260 -4.97 -16.24 13.92
N ASP A 261 -5.27 -15.71 12.73
CA ASP A 261 -5.25 -16.52 11.52
C ASP A 261 -3.86 -17.07 11.20
N ALA A 262 -2.82 -16.48 11.75
CA ALA A 262 -1.46 -16.90 11.44
C ALA A 262 -0.91 -17.96 12.39
N PHE A 263 -1.48 -18.07 13.60
CA PHE A 263 -0.94 -18.98 14.60
C PHE A 263 -1.96 -19.89 15.25
N TYR A 264 -3.25 -19.70 15.02
CA TYR A 264 -4.29 -20.50 15.65
C TYR A 264 -5.07 -21.27 14.60
N VAL A 265 -5.54 -22.45 15.00
CA VAL A 265 -6.32 -23.32 14.12
C VAL A 265 -7.56 -23.77 14.89
N ASN A 266 -8.59 -24.15 14.13
CA ASN A 266 -9.85 -24.59 14.71
C ASN A 266 -9.98 -26.10 14.52
N LYS A 267 -10.42 -26.79 15.57
CA LYS A 267 -10.62 -28.23 15.51
C LYS A 267 -11.77 -28.61 16.43
N LYS A 268 -12.42 -29.73 16.10
CA LYS A 268 -13.58 -30.17 16.86
C LYS A 268 -13.16 -30.85 18.16
N ASN A 269 -14.12 -30.96 19.07
CA ASN A 269 -13.87 -31.61 20.36
C ASN A 269 -15.16 -32.19 20.93
N ALA A 274 -15.80 -27.78 19.72
CA ALA A 274 -14.83 -27.14 18.84
C ALA A 274 -14.35 -25.82 19.43
N LYS A 275 -13.04 -25.60 19.38
CA LYS A 275 -12.44 -24.39 19.92
C LYS A 275 -11.13 -24.10 19.19
N ASN A 276 -10.63 -22.88 19.38
CA ASN A 276 -9.38 -22.48 18.75
C ASN A 276 -8.21 -22.78 19.67
N VAL A 277 -7.17 -23.40 19.10
CA VAL A 277 -5.96 -23.74 19.84
C VAL A 277 -4.75 -23.34 19.00
N LEU A 278 -3.62 -23.20 19.68
CA LEU A 278 -2.38 -22.85 19.00
C LEU A 278 -1.95 -23.96 18.05
N ARG A 279 -1.30 -23.57 16.97
CA ARG A 279 -0.70 -24.54 16.07
C ARG A 279 0.49 -25.21 16.74
N GLU A 280 0.99 -26.25 16.10
CA GLU A 280 2.18 -26.91 16.60
C GLU A 280 3.39 -26.00 16.47
N ASP A 281 4.44 -26.31 17.24
CA ASP A 281 5.64 -25.46 17.24
C ASP A 281 6.28 -25.43 15.86
N LYS A 282 6.18 -26.52 15.11
CA LYS A 282 6.79 -26.56 13.78
C LYS A 282 6.14 -25.54 12.84
N GLU A 283 4.81 -25.43 12.88
CA GLU A 283 4.12 -24.52 11.97
C GLU A 283 4.35 -23.07 12.36
N LEU A 284 4.47 -22.78 13.65
CA LEU A 284 4.73 -21.41 14.09
C LEU A 284 6.08 -20.92 13.58
N TYR A 285 7.08 -21.79 13.61
CA TYR A 285 8.43 -21.40 13.18
C TYR A 285 8.45 -21.05 11.70
N SER A 286 7.67 -21.76 10.89
CA SER A 286 7.64 -21.49 9.46
C SER A 286 7.06 -20.11 9.16
N VAL A 287 6.02 -19.71 9.90
CA VAL A 287 5.42 -18.39 9.68
C VAL A 287 6.42 -17.29 10.02
N LEU A 288 7.10 -17.42 11.15
CA LEU A 288 8.09 -16.41 11.54
C LEU A 288 9.25 -16.35 10.56
N THR A 289 9.73 -17.51 10.13
CA THR A 289 10.87 -17.54 9.22
C THR A 289 10.52 -16.95 7.85
N LEU A 290 9.33 -17.27 7.33
CA LEU A 290 8.95 -16.76 6.02
C LEU A 290 8.84 -15.25 6.03
N ILE A 291 8.21 -14.69 7.05
CA ILE A 291 8.12 -13.24 7.16
C ILE A 291 9.48 -12.63 7.44
N GLY A 292 10.31 -13.33 8.23
CA GLY A 292 11.61 -12.80 8.56
C GLY A 292 12.50 -12.64 7.35
N LYS A 293 12.52 -13.63 6.47
CA LYS A 293 13.37 -13.53 5.30
C LYS A 293 12.80 -12.57 4.26
N LEU A 294 11.49 -12.37 4.26
CA LEU A 294 10.90 -11.38 3.36
C LEU A 294 11.41 -10.00 3.69
N ARG A 295 11.56 -9.69 4.98
CA ARG A 295 12.11 -8.41 5.39
C ARG A 295 13.59 -8.31 5.01
N HIS A 296 14.36 -9.35 5.31
CA HIS A 296 15.79 -9.31 5.04
C HIS A 296 16.07 -9.19 3.56
N TRP A 297 15.27 -9.88 2.73
CA TRP A 297 15.47 -9.82 1.29
C TRP A 297 15.01 -8.49 0.70
N CYS A 298 13.96 -7.90 1.26
CA CYS A 298 13.36 -6.70 0.70
C CYS A 298 13.94 -5.41 1.26
N VAL A 299 14.87 -5.50 2.20
CA VAL A 299 15.52 -4.31 2.75
C VAL A 299 16.99 -4.35 2.37
N HIS A 300 17.68 -5.41 2.78
CA HIS A 300 19.04 -5.64 2.32
C HIS A 300 19.04 -6.06 0.85
N SER A 301 20.22 -6.08 0.26
CA SER A 301 20.42 -6.58 -1.09
C SER A 301 21.33 -7.80 -1.01
N GLU A 302 20.72 -8.98 -1.08
CA GLU A 302 21.44 -10.22 -0.85
C GLU A 302 22.43 -10.50 -1.98
N GLU A 303 23.45 -11.29 -1.65
CA GLU A 303 24.49 -11.66 -2.60
C GLU A 303 24.44 -13.16 -2.84
N GLY A 304 24.64 -13.54 -4.10
CA GLY A 304 24.58 -14.95 -4.44
C GLY A 304 23.19 -15.37 -4.90
N ARG A 305 22.90 -16.65 -4.74
CA ARG A 305 21.63 -17.20 -5.18
C ARG A 305 20.47 -16.74 -4.30
N ALA A 306 20.75 -16.15 -3.15
CA ALA A 306 19.69 -15.70 -2.26
C ALA A 306 19.00 -14.44 -2.76
N GLU A 307 19.59 -13.75 -3.74
CA GLU A 307 19.01 -12.50 -4.22
C GLU A 307 17.78 -12.71 -5.08
N PHE A 308 17.54 -13.93 -5.57
CA PHE A 308 16.34 -14.26 -6.33
C PHE A 308 15.33 -15.04 -5.50
N TRP A 309 15.30 -14.83 -4.19
CA TRP A 309 14.51 -15.69 -3.32
C TRP A 309 13.02 -15.55 -3.58
N LEU A 310 12.53 -14.32 -3.66
CA LEU A 310 11.09 -14.11 -3.85
C LEU A 310 10.61 -14.65 -5.19
N TYR A 311 11.47 -14.65 -6.20
CA TYR A 311 11.10 -15.08 -7.54
C TYR A 311 11.37 -16.56 -7.78
N LYS A 312 11.84 -17.29 -6.78
CA LYS A 312 12.08 -18.72 -6.87
C LYS A 312 11.48 -19.43 -5.66
N LEU A 313 10.24 -19.09 -5.31
CA LEU A 313 9.61 -19.66 -4.14
C LEU A 313 9.22 -21.12 -4.34
N ASP A 314 9.28 -21.62 -5.57
CA ASP A 314 9.01 -23.03 -5.81
C ASP A 314 10.11 -23.93 -5.26
N GLU A 315 11.25 -23.36 -4.88
CA GLU A 315 12.37 -24.13 -4.36
C GLU A 315 12.36 -24.27 -2.84
N LEU A 316 11.34 -23.74 -2.16
CA LEU A 316 11.32 -23.78 -0.70
C LEU A 316 11.20 -25.19 -0.19
N LYS A 317 11.62 -25.39 1.06
CA LYS A 317 11.49 -26.69 1.70
C LYS A 317 10.01 -27.03 1.90
N ASP A 318 9.74 -28.31 2.16
CA ASP A 318 8.36 -28.78 2.24
C ASP A 318 7.62 -28.12 3.39
N ASP A 319 8.30 -27.86 4.50
CA ASP A 319 7.62 -27.33 5.68
C ASP A 319 7.02 -25.96 5.40
N PHE A 320 7.73 -25.10 4.69
CA PHE A 320 7.25 -23.74 4.45
C PHE A 320 6.05 -23.74 3.50
N LYS A 321 6.04 -24.63 2.51
CA LYS A 321 4.91 -24.71 1.60
C LYS A 321 3.65 -25.16 2.32
N ASN A 322 3.76 -26.16 3.20
CA ASN A 322 2.59 -26.70 3.87
C ASN A 322 1.93 -25.67 4.78
N VAL A 323 2.74 -24.88 5.50
CA VAL A 323 2.18 -23.87 6.38
C VAL A 323 1.46 -22.79 5.57
N LEU A 324 2.06 -22.38 4.45
CA LEU A 324 1.39 -21.44 3.56
C LEU A 324 0.05 -22.00 3.08
N ASP A 325 0.04 -23.27 2.69
CA ASP A 325 -1.20 -23.88 2.20
C ASP A 325 -2.26 -23.90 3.29
N VAL A 326 -1.86 -24.27 4.52
CA VAL A 326 -2.84 -24.35 5.60
C VAL A 326 -3.39 -22.99 5.95
N VAL A 327 -2.54 -21.96 5.99
CA VAL A 327 -3.02 -20.62 6.28
C VAL A 327 -3.95 -20.12 5.17
N TYR A 328 -3.62 -20.41 3.92
CA TYR A 328 -4.41 -19.90 2.81
C TYR A 328 -5.75 -20.62 2.68
N ASN A 329 -5.79 -21.91 3.06
CA ASN A 329 -6.99 -22.70 2.81
C ASN A 329 -8.15 -22.31 3.71
N ARG A 330 -7.88 -21.77 4.90
CA ARG A 330 -8.95 -21.51 5.85
C ARG A 330 -10.00 -20.52 5.35
N PRO A 331 -9.64 -19.31 4.88
CA PRO A 331 -10.70 -18.42 4.35
C PRO A 331 -11.35 -18.97 3.10
N VAL A 332 -10.59 -19.62 2.23
CA VAL A 332 -11.16 -20.13 0.98
C VAL A 332 -12.11 -21.30 1.26
N GLU A 333 -11.84 -22.06 2.32
CA GLU A 333 -12.77 -23.11 2.71
C GLU A 333 -13.99 -22.56 3.42
N GLU A 334 -13.84 -21.50 4.22
CA GLU A 334 -14.99 -20.90 4.87
C GLU A 334 -15.96 -20.32 3.85
N ILE A 335 -15.45 -19.52 2.92
CA ILE A 335 -16.32 -18.81 1.99
C ILE A 335 -16.97 -19.77 1.01
N ASN A 336 -16.18 -20.68 0.45
CA ASN A 336 -16.66 -21.52 -0.65
C ASN A 336 -17.63 -22.60 -0.19
N ASN A 337 -17.73 -22.87 1.10
CA ASN A 337 -18.67 -23.87 1.59
C ASN A 337 -20.04 -23.25 1.86
N ARG A 338 -20.06 -21.98 2.25
CA ARG A 338 -21.31 -21.31 2.60
C ARG A 338 -22.02 -20.67 1.42
N PHE A 339 -21.43 -20.73 0.22
CA PHE A 339 -21.95 -19.95 -0.90
C PHE A 339 -23.40 -20.30 -1.21
N ILE A 340 -23.69 -21.59 -1.38
CA ILE A 340 -25.05 -22.00 -1.72
C ILE A 340 -26.01 -21.67 -0.58
N GLU A 341 -25.62 -22.00 0.66
CA GLU A 341 -26.52 -21.82 1.79
C GLU A 341 -26.76 -20.35 2.10
N ASN A 342 -25.72 -19.53 2.10
CA ASN A 342 -25.86 -18.13 2.47
C ASN A 342 -26.55 -17.28 1.40
N ASN A 343 -26.45 -17.67 0.13
CA ASN A 343 -27.03 -16.88 -0.95
C ASN A 343 -28.17 -17.60 -1.67
N LYS A 344 -28.78 -18.62 -1.07
CA LYS A 344 -29.77 -19.43 -1.77
C LYS A 344 -30.98 -18.59 -2.18
N VAL A 345 -31.43 -17.69 -1.31
CA VAL A 345 -32.63 -16.90 -1.59
C VAL A 345 -32.42 -16.06 -2.86
N ASN A 346 -31.26 -15.41 -2.94
CA ASN A 346 -31.00 -14.54 -4.08
C ASN A 346 -30.91 -15.33 -5.37
N ILE A 347 -30.28 -16.50 -5.33
CA ILE A 347 -30.07 -17.28 -6.55
C ILE A 347 -31.41 -17.70 -7.15
N GLN A 348 -32.32 -18.22 -6.32
CA GLN A 348 -33.60 -18.70 -6.84
C GLN A 348 -34.44 -17.57 -7.41
N ILE A 349 -34.50 -16.43 -6.73
CA ILE A 349 -35.28 -15.30 -7.23
C ILE A 349 -34.67 -14.77 -8.52
N LEU A 350 -33.35 -14.64 -8.56
CA LEU A 350 -32.70 -14.13 -9.76
C LEU A 350 -32.92 -15.08 -10.94
N GLY A 351 -32.84 -16.38 -10.69
CA GLY A 351 -33.14 -17.35 -11.74
C GLY A 351 -34.60 -17.36 -12.14
N SER A 352 -35.51 -16.99 -11.24
CA SER A 352 -36.90 -16.83 -11.61
C SER A 352 -37.10 -15.64 -12.54
N VAL A 353 -36.40 -14.54 -12.26
CA VAL A 353 -36.53 -13.37 -13.12
C VAL A 353 -35.60 -13.42 -14.33
N TYR A 354 -34.56 -14.27 -14.28
CA TYR A 354 -33.62 -14.44 -15.38
C TYR A 354 -33.65 -15.86 -15.94
N LYS A 355 -34.85 -16.43 -16.12
CA LYS A 355 -35.00 -17.85 -16.40
C LYS A 355 -34.54 -18.25 -17.79
N ASN A 356 -34.25 -17.27 -18.66
CA ASN A 356 -33.76 -17.60 -19.99
C ASN A 356 -32.42 -18.30 -19.98
N THR A 357 -31.63 -18.12 -18.92
CA THR A 357 -30.32 -18.76 -18.80
C THR A 357 -30.43 -20.01 -17.93
N ASP A 358 -29.61 -21.01 -18.27
CA ASP A 358 -29.59 -22.24 -17.49
C ASP A 358 -29.15 -21.96 -16.06
N ILE A 359 -29.80 -22.63 -15.11
CA ILE A 359 -29.55 -22.36 -13.69
C ILE A 359 -28.11 -22.68 -13.33
N ALA A 360 -27.59 -23.80 -13.84
CA ALA A 360 -26.21 -24.18 -13.52
C ALA A 360 -25.22 -23.13 -13.98
N GLU A 361 -25.40 -22.60 -15.20
CA GLU A 361 -24.55 -21.50 -15.67
C GLU A 361 -24.84 -20.21 -14.93
N LEU A 362 -26.12 -19.93 -14.67
CA LEU A 362 -26.51 -18.66 -14.07
C LEU A 362 -25.95 -18.50 -12.67
N VAL A 363 -26.00 -19.55 -11.86
CA VAL A 363 -25.43 -19.47 -10.51
C VAL A 363 -23.92 -19.29 -10.59
N ARG A 364 -23.28 -19.88 -11.61
CA ARG A 364 -21.86 -19.67 -11.82
C ARG A 364 -21.56 -18.21 -12.13
N SER A 365 -22.41 -17.56 -12.91
CA SER A 365 -22.20 -16.15 -13.23
C SER A 365 -22.29 -15.29 -11.98
N TYR A 366 -23.26 -15.59 -11.10
CA TYR A 366 -23.38 -14.82 -9.87
C TYR A 366 -22.16 -14.97 -8.97
N TYR A 367 -21.47 -16.10 -9.09
CA TYR A 367 -20.20 -16.26 -8.39
C TYR A 367 -19.18 -15.23 -8.88
N GLU A 368 -19.14 -15.01 -10.20
CA GLU A 368 -18.26 -14.00 -10.75
C GLU A 368 -18.70 -12.60 -10.31
N PHE A 369 -20.00 -12.37 -10.25
CA PHE A 369 -20.53 -11.04 -9.94
C PHE A 369 -20.17 -10.60 -8.52
N LEU A 370 -20.42 -11.47 -7.55
CA LEU A 370 -20.29 -11.06 -6.15
C LEU A 370 -19.03 -11.65 -5.51
N ILE A 371 -18.85 -12.97 -5.60
CA ILE A 371 -17.75 -13.62 -4.90
C ILE A 371 -16.40 -13.14 -5.45
N THR A 372 -16.28 -13.03 -6.77
CA THR A 372 -15.06 -12.54 -7.39
C THR A 372 -15.04 -11.03 -7.56
N LYS A 373 -16.14 -10.34 -7.25
CA LYS A 373 -16.22 -8.88 -7.32
C LYS A 373 -15.86 -8.34 -8.70
N LYS A 374 -16.28 -9.07 -9.74
CA LYS A 374 -15.96 -8.65 -11.10
C LYS A 374 -16.73 -7.41 -11.51
N TYR A 375 -17.92 -7.20 -10.94
CA TYR A 375 -18.81 -6.14 -11.41
C TYR A 375 -18.34 -4.76 -10.98
N LYS A 376 -17.36 -4.66 -10.08
CA LYS A 376 -16.83 -3.37 -9.67
C LYS A 376 -15.54 -2.99 -10.40
N ASN A 377 -15.07 -3.82 -11.33
CA ASN A 377 -13.80 -3.58 -12.02
C ASN A 377 -14.00 -3.14 -13.46
N MET A 378 -15.24 -2.80 -13.83
CA MET A 378 -15.57 -2.51 -15.23
C MET A 378 -15.03 -1.17 -15.73
N GLY A 379 -14.48 -0.33 -14.87
CA GLY A 379 -13.90 0.92 -15.29
C GLY A 379 -14.76 2.16 -15.11
N PHE A 380 -15.97 2.02 -14.57
CA PHE A 380 -16.79 3.18 -14.25
C PHE A 380 -17.64 2.85 -13.03
N SER A 381 -18.15 3.90 -12.40
CA SER A 381 -18.87 3.76 -11.13
C SER A 381 -20.28 3.26 -11.42
N ILE A 382 -20.47 1.94 -11.28
CA ILE A 382 -21.81 1.38 -11.39
C ILE A 382 -22.69 1.85 -10.24
N LYS A 383 -22.08 2.17 -9.10
CA LYS A 383 -22.83 2.75 -7.99
C LYS A 383 -23.50 4.06 -8.42
N LYS A 384 -22.73 4.93 -9.07
CA LYS A 384 -23.30 6.19 -9.56
C LYS A 384 -24.36 5.93 -10.62
N LEU A 385 -24.15 4.93 -11.47
CA LEU A 385 -25.15 4.59 -12.49
C LEU A 385 -26.47 4.21 -11.84
N ARG A 386 -26.43 3.32 -10.85
CA ARG A 386 -27.66 2.90 -10.18
C ARG A 386 -28.31 4.07 -9.44
N GLU A 387 -27.49 4.88 -8.77
CA GLU A 387 -28.02 6.04 -8.06
C GLU A 387 -28.72 6.99 -9.01
N SER A 388 -28.18 7.18 -10.21
CA SER A 388 -28.78 8.08 -11.18
C SER A 388 -29.95 7.46 -11.93
N MET A 389 -30.08 6.13 -11.97
CA MET A 389 -31.24 5.58 -12.67
C MET A 389 -32.36 5.21 -11.71
N LEU A 390 -32.11 5.30 -10.40
CA LEU A 390 -33.18 5.09 -9.42
C LEU A 390 -33.63 6.42 -8.82
N GLU A 391 -33.72 7.46 -9.65
CA GLU A 391 -34.05 8.79 -9.16
C GLU A 391 -35.56 8.97 -9.02
N GLY A 392 -36.02 9.24 -7.80
CA GLY A 392 -37.40 9.64 -7.55
C GLY A 392 -38.45 8.64 -7.97
N LYS A 393 -38.30 7.37 -7.58
CA LYS A 393 -39.23 6.32 -7.97
C LYS A 393 -39.79 5.64 -6.73
N GLY A 394 -41.05 5.20 -6.83
CA GLY A 394 -41.78 4.75 -5.65
C GLY A 394 -41.21 3.49 -5.02
N TYR A 395 -40.70 2.56 -5.82
CA TYR A 395 -40.19 1.31 -5.27
C TYR A 395 -38.94 1.52 -4.43
N ALA A 396 -38.32 2.70 -4.52
CA ALA A 396 -37.16 3.03 -3.70
C ALA A 396 -37.54 3.72 -2.39
N ASP A 397 -38.83 3.84 -2.09
CA ASP A 397 -39.29 4.54 -0.89
C ASP A 397 -38.90 3.75 0.36
N LYS A 398 -38.84 4.47 1.49
CA LYS A 398 -38.44 3.86 2.76
C LYS A 398 -39.45 2.83 3.23
N GLU A 399 -40.67 2.84 2.71
CA GLU A 399 -41.67 1.85 3.11
C GLU A 399 -41.29 0.44 2.68
N TYR A 400 -40.31 0.29 1.80
CA TYR A 400 -39.79 -1.01 1.40
C TYR A 400 -38.41 -1.29 1.98
N ASP A 401 -38.10 -0.71 3.15
CA ASP A 401 -36.77 -0.85 3.72
C ASP A 401 -36.39 -2.31 3.96
N SER A 402 -37.39 -3.18 4.18
CA SER A 402 -37.12 -4.60 4.32
C SER A 402 -36.73 -5.26 3.01
N VAL A 403 -36.87 -4.56 1.88
CA VAL A 403 -36.60 -5.14 0.58
C VAL A 403 -35.51 -4.33 -0.13
N ARG A 404 -35.39 -3.04 0.24
CA ARG A 404 -34.57 -2.10 -0.52
C ARG A 404 -33.14 -2.58 -0.68
N ASN A 405 -32.57 -3.19 0.36
CA ASN A 405 -31.19 -3.67 0.28
C ASN A 405 -31.06 -4.73 -0.80
N LYS A 406 -31.99 -5.67 -0.85
CA LYS A 406 -31.93 -6.72 -1.87
C LYS A 406 -32.34 -6.18 -3.23
N LEU A 407 -33.24 -5.20 -3.26
CA LEU A 407 -33.68 -4.63 -4.52
C LEU A 407 -32.52 -3.98 -5.27
N TYR A 408 -31.67 -3.25 -4.54
CA TYR A 408 -30.48 -2.68 -5.17
C TYR A 408 -29.55 -3.78 -5.68
N GLN A 409 -29.27 -4.78 -4.84
CA GLN A 409 -28.28 -5.79 -5.19
C GLN A 409 -28.73 -6.62 -6.38
N MET A 410 -30.01 -7.01 -6.41
CA MET A 410 -30.51 -7.74 -7.56
C MET A 410 -30.57 -6.86 -8.80
N THR A 411 -30.75 -5.55 -8.61
CA THR A 411 -30.64 -4.61 -9.72
C THR A 411 -29.20 -4.57 -10.24
N ASP A 412 -28.24 -4.71 -9.33
CA ASP A 412 -26.83 -4.63 -9.72
C ASP A 412 -26.47 -5.73 -10.70
N PHE A 413 -26.94 -6.95 -10.48
CA PHE A 413 -26.66 -8.03 -11.42
C PHE A 413 -27.32 -7.75 -12.76
N ILE A 414 -28.54 -7.21 -12.73
CA ILE A 414 -29.20 -6.79 -13.96
C ILE A 414 -28.35 -5.77 -14.69
N LEU A 415 -27.71 -4.87 -13.94
CA LEU A 415 -26.81 -3.90 -14.55
C LEU A 415 -25.57 -4.58 -15.12
N TYR A 416 -24.92 -5.43 -14.33
CA TYR A 416 -23.62 -5.97 -14.72
C TYR A 416 -23.72 -6.83 -15.97
N THR A 417 -24.76 -7.66 -16.05
CA THR A 417 -24.86 -8.60 -17.16
C THR A 417 -25.15 -7.89 -18.48
N GLY A 418 -25.66 -6.66 -18.43
CA GLY A 418 -25.99 -5.95 -19.66
C GLY A 418 -24.76 -5.63 -20.49
N TYR A 419 -23.70 -5.14 -19.84
CA TYR A 419 -22.47 -4.81 -20.53
C TYR A 419 -21.62 -6.02 -20.87
N ILE A 420 -22.12 -7.23 -20.62
CA ILE A 420 -21.43 -8.46 -20.99
C ILE A 420 -22.26 -9.30 -21.95
N ASN A 421 -23.57 -9.43 -21.70
CA ASN A 421 -24.42 -10.28 -22.51
C ASN A 421 -24.76 -9.67 -23.86
N GLU A 422 -25.38 -8.48 -23.87
CA GLU A 422 -25.91 -7.95 -25.12
C GLU A 422 -25.29 -6.62 -25.54
N ASP A 423 -25.16 -5.67 -24.60
CA ASP A 423 -24.73 -4.32 -24.95
C ASP A 423 -23.27 -4.09 -24.61
N SER A 424 -22.46 -5.15 -24.72
CA SER A 424 -21.03 -5.04 -24.41
C SER A 424 -20.30 -4.02 -25.26
N ASP A 425 -20.79 -3.77 -26.48
CA ASP A 425 -20.08 -2.87 -27.38
C ASP A 425 -20.08 -1.43 -26.87
N ARG A 426 -21.21 -0.96 -26.36
CA ARG A 426 -21.34 0.47 -26.08
C ARG A 426 -20.93 0.83 -24.66
N ALA A 427 -20.41 -0.10 -23.87
CA ALA A 427 -19.72 0.28 -22.66
C ALA A 427 -18.45 1.07 -22.97
N ASP A 428 -17.91 0.87 -24.17
CA ASP A 428 -16.74 1.63 -24.59
C ASP A 428 -17.04 3.12 -24.65
N ASP A 429 -18.24 3.49 -25.13
CA ASP A 429 -18.59 4.90 -25.20
C ASP A 429 -18.61 5.53 -23.82
N LEU A 430 -19.16 4.82 -22.83
CA LEU A 430 -19.22 5.37 -21.48
C LEU A 430 -17.84 5.44 -20.85
N VAL A 431 -17.02 4.41 -21.07
CA VAL A 431 -15.71 4.37 -20.42
C VAL A 431 -14.74 5.35 -21.09
N ASN A 432 -15.03 5.74 -22.33
CA ASN A 432 -14.12 6.65 -23.03
C ASN A 432 -14.58 8.11 -22.91
N THR A 433 -15.89 8.35 -22.94
CA THR A 433 -16.39 9.70 -22.78
C THR A 433 -16.04 10.25 -21.41
N LEU A 434 -16.13 9.41 -20.38
CA LEU A 434 -15.74 9.84 -19.04
C LEU A 434 -14.26 10.20 -18.98
N ARG A 435 -13.41 9.41 -19.64
CA ARG A 435 -11.98 9.68 -19.62
C ARG A 435 -11.64 10.95 -20.39
N SER A 436 -12.26 11.15 -21.56
CA SER A 436 -11.96 12.32 -22.38
C SER A 436 -12.57 13.60 -21.82
N SER A 437 -13.55 13.50 -20.94
CA SER A 437 -14.18 14.68 -20.36
C SER A 437 -13.26 15.37 -19.37
N ASP A 441 -16.74 19.21 -11.30
CA ASP A 441 -16.47 18.86 -12.69
C ASP A 441 -17.76 18.63 -13.47
N ASP A 442 -17.66 18.62 -14.80
CA ASP A 442 -18.81 18.42 -15.66
C ASP A 442 -19.04 16.96 -16.01
N LYS A 443 -18.30 16.03 -15.40
CA LYS A 443 -18.44 14.62 -15.72
C LYS A 443 -19.78 14.05 -15.29
N THR A 444 -20.54 14.79 -14.46
CA THR A 444 -21.80 14.26 -13.94
C THR A 444 -22.83 14.04 -15.03
N THR A 445 -22.94 14.98 -15.99
CA THR A 445 -23.98 14.87 -17.01
C THR A 445 -23.81 13.63 -17.87
N VAL A 446 -22.58 13.12 -18.00
CA VAL A 446 -22.36 11.86 -18.69
C VAL A 446 -23.10 10.73 -17.98
N TYR A 447 -23.01 10.70 -16.64
CA TYR A 447 -23.74 9.69 -15.88
C TYR A 447 -25.25 9.86 -16.04
N CYS A 448 -25.73 11.11 -16.03
CA CYS A 448 -27.16 11.36 -16.19
C CYS A 448 -27.66 10.86 -17.53
N LYS A 449 -26.93 11.17 -18.61
CA LYS A 449 -27.33 10.70 -19.93
C LYS A 449 -27.25 9.20 -20.04
N GLU A 450 -26.20 8.57 -19.52
CA GLU A 450 -26.07 7.12 -19.60
C GLU A 450 -27.16 6.43 -18.79
N ALA A 451 -27.49 6.97 -17.62
CA ALA A 451 -28.54 6.38 -16.79
C ALA A 451 -29.90 6.53 -17.45
N ASP A 452 -30.05 7.45 -18.39
CA ASP A 452 -31.34 7.67 -19.02
C ASP A 452 -31.76 6.46 -19.86
N TYR A 453 -30.87 5.98 -20.72
CA TYR A 453 -31.18 4.78 -21.51
C TYR A 453 -31.47 3.60 -20.61
N LEU A 454 -30.79 3.52 -19.47
CA LEU A 454 -30.90 2.37 -18.59
C LEU A 454 -32.36 2.12 -18.20
N TRP A 455 -33.07 3.18 -17.82
CA TRP A 455 -34.46 3.04 -17.43
C TRP A 455 -35.34 2.60 -18.59
N LYS A 456 -35.23 3.25 -19.75
CA LYS A 456 -36.18 2.98 -20.83
C LYS A 456 -36.11 1.53 -21.30
N LYS A 457 -35.02 0.85 -21.01
CA LYS A 457 -34.93 -0.57 -21.38
C LYS A 457 -35.22 -1.50 -20.20
N TYR A 458 -34.64 -1.20 -19.03
CA TYR A 458 -34.75 -2.14 -17.92
C TYR A 458 -35.89 -1.84 -16.96
N ARG A 459 -36.79 -0.90 -17.29
CA ARG A 459 -37.89 -0.57 -16.40
C ARG A 459 -38.77 -1.77 -16.10
N GLU A 460 -39.20 -2.48 -17.14
CA GLU A 460 -40.06 -3.63 -16.95
C GLU A 460 -39.34 -4.71 -16.14
N SER A 461 -38.04 -4.89 -16.39
CA SER A 461 -37.29 -5.92 -15.70
C SER A 461 -37.17 -5.63 -14.21
N ILE A 462 -36.71 -4.43 -13.84
CA ILE A 462 -36.44 -4.19 -12.42
C ILE A 462 -37.73 -3.99 -11.64
N ARG A 463 -38.79 -3.53 -12.32
CA ARG A 463 -40.09 -3.45 -11.66
C ARG A 463 -40.63 -4.84 -11.33
N GLU A 464 -40.34 -5.82 -12.18
CA GLU A 464 -40.73 -7.19 -11.89
C GLU A 464 -40.01 -7.72 -10.65
N VAL A 465 -38.73 -7.39 -10.51
CA VAL A 465 -37.99 -7.76 -9.30
C VAL A 465 -38.56 -7.04 -8.09
N ALA A 466 -39.02 -5.80 -8.29
CA ALA A 466 -39.57 -4.99 -7.20
C ALA A 466 -40.79 -5.62 -6.56
N ASP A 467 -41.56 -6.43 -7.29
CA ASP A 467 -42.68 -7.15 -6.70
C ASP A 467 -42.40 -8.62 -6.48
N ALA A 468 -41.40 -9.20 -7.14
CA ALA A 468 -41.00 -10.57 -6.85
C ALA A 468 -40.48 -10.69 -5.42
N LEU A 469 -39.79 -9.66 -4.93
CA LEU A 469 -39.30 -9.65 -3.57
C LEU A 469 -40.38 -9.27 -2.56
N ASP A 470 -41.53 -8.78 -3.03
CA ASP A 470 -42.59 -8.32 -2.14
C ASP A 470 -43.14 -9.48 -1.32
N GLY A 471 -43.36 -9.25 -0.03
CA GLY A 471 -43.97 -10.23 0.83
C GLY A 471 -43.02 -11.33 1.24
N ASP A 472 -43.29 -11.89 2.43
CA ASP A 472 -42.51 -13.02 2.90
C ASP A 472 -42.81 -14.28 2.11
N ASN A 473 -43.93 -14.29 1.38
CA ASN A 473 -44.35 -15.47 0.63
C ASN A 473 -43.34 -15.89 -0.43
N ILE A 474 -42.45 -14.99 -0.84
CA ILE A 474 -41.35 -15.33 -1.74
C ILE A 474 -40.00 -15.14 -1.08
N LYS A 475 -39.86 -14.11 -0.22
CA LYS A 475 -38.63 -13.88 0.50
C LYS A 475 -38.30 -15.01 1.47
N LYS A 476 -39.27 -15.86 1.80
CA LYS A 476 -39.11 -17.00 2.69
C LYS A 476 -39.26 -18.33 1.98
N LEU A 477 -40.26 -18.47 1.11
CA LEU A 477 -40.48 -19.73 0.40
C LEU A 477 -39.27 -20.11 -0.44
N SER A 478 -38.42 -19.14 -0.78
CA SER A 478 -37.18 -19.42 -1.51
C SER A 478 -36.17 -20.18 -0.67
N LYS A 479 -36.40 -20.37 0.63
CA LYS A 479 -35.46 -21.07 1.50
C LYS A 479 -35.92 -22.46 1.90
N SER A 480 -37.16 -22.61 2.36
CA SER A 480 -37.65 -23.93 2.78
C SER A 480 -38.10 -24.78 1.59
N ASN A 481 -38.04 -24.25 0.38
CA ASN A 481 -38.20 -25.11 -0.79
C ASN A 481 -37.09 -26.14 -0.86
N ILE A 482 -35.87 -25.75 -0.50
CA ILE A 482 -34.71 -26.62 -0.40
C ILE A 482 -34.52 -27.39 -1.71
N GLU A 483 -34.30 -26.65 -2.79
CA GLU A 483 -34.01 -27.23 -4.09
C GLU A 483 -32.74 -26.59 -4.65
N ILE A 484 -31.79 -27.44 -5.05
CA ILE A 484 -30.49 -27.00 -5.54
C ILE A 484 -30.18 -27.82 -6.79
N GLN A 485 -29.40 -27.23 -7.70
CA GLN A 485 -28.96 -27.97 -8.87
C GLN A 485 -28.03 -29.12 -8.47
N GLU A 486 -26.99 -28.83 -7.68
CA GLU A 486 -26.24 -29.83 -6.95
C GLU A 486 -25.45 -30.77 -7.87
N ASP A 487 -25.60 -30.61 -9.18
CA ASP A 487 -25.03 -31.56 -10.12
C ASP A 487 -23.52 -31.39 -10.32
N LYS A 488 -23.01 -30.17 -10.26
CA LYS A 488 -21.60 -29.95 -10.49
C LYS A 488 -20.76 -30.40 -9.30
N LEU A 489 -19.50 -30.71 -9.57
CA LEU A 489 -18.56 -31.13 -8.53
C LEU A 489 -17.77 -29.97 -7.92
N ARG A 490 -18.48 -28.92 -7.49
CA ARG A 490 -17.90 -27.77 -6.81
C ARG A 490 -16.83 -27.07 -7.63
N LYS A 491 -16.97 -27.09 -8.96
CA LYS A 491 -15.98 -26.44 -9.82
C LYS A 491 -16.30 -24.96 -9.96
N CYS A 492 -15.42 -24.25 -10.67
CA CYS A 492 -15.53 -22.83 -11.01
C CYS A 492 -15.54 -21.93 -9.78
N PHE A 493 -15.19 -22.46 -8.60
CA PHE A 493 -15.11 -21.65 -7.41
C PHE A 493 -13.73 -21.00 -7.30
N ILE A 494 -13.50 -20.32 -6.19
CA ILE A 494 -12.16 -19.80 -5.90
C ILE A 494 -11.23 -20.97 -5.64
N SER A 495 -10.06 -20.94 -6.26
CA SER A 495 -9.13 -22.07 -6.19
C SER A 495 -8.60 -22.27 -4.78
N TYR A 496 -8.32 -23.53 -4.44
CA TYR A 496 -7.71 -23.84 -3.15
C TYR A 496 -6.21 -23.58 -3.19
N ALA A 497 -5.52 -24.04 -2.16
CA ALA A 497 -4.08 -23.81 -2.07
C ALA A 497 -3.30 -24.60 -3.10
N ASP A 498 -3.85 -25.71 -3.59
CA ASP A 498 -3.12 -26.56 -4.53
C ASP A 498 -2.93 -25.88 -5.88
N SER A 499 -3.73 -24.86 -6.18
CA SER A 499 -3.69 -24.22 -7.50
C SER A 499 -3.04 -22.85 -7.50
N VAL A 500 -3.02 -22.17 -6.38
CA VAL A 500 -2.49 -20.81 -6.31
C VAL A 500 -0.98 -20.87 -6.18
N SER A 501 -0.29 -19.95 -6.86
CA SER A 501 1.16 -19.91 -6.81
C SER A 501 1.66 -19.52 -5.42
N GLU A 502 2.92 -19.87 -5.15
CA GLU A 502 3.48 -19.62 -3.83
C GLU A 502 3.63 -18.14 -3.54
N PHE A 503 3.85 -17.32 -4.58
CA PHE A 503 4.05 -15.90 -4.39
C PHE A 503 2.80 -15.24 -3.81
N THR A 504 1.63 -15.62 -4.31
CA THR A 504 0.38 -15.06 -3.79
C THR A 504 0.14 -15.53 -2.36
N LYS A 505 0.44 -16.79 -2.05
CA LYS A 505 0.20 -17.32 -0.72
C LYS A 505 1.08 -16.63 0.32
N LEU A 506 2.25 -16.16 -0.10
CA LEU A 506 3.11 -15.41 0.83
C LEU A 506 2.54 -14.01 1.09
N ILE A 507 1.90 -13.42 0.08
CA ILE A 507 1.26 -12.12 0.28
C ILE A 507 0.14 -12.23 1.30
N TYR A 508 -0.65 -13.30 1.24
CA TYR A 508 -1.74 -13.47 2.19
C TYR A 508 -1.19 -13.59 3.61
N LEU A 509 -0.10 -14.33 3.78
CA LEU A 509 0.51 -14.45 5.11
C LEU A 509 0.98 -13.10 5.60
N LEU A 510 1.52 -12.27 4.70
CA LEU A 510 1.96 -10.93 5.09
C LEU A 510 0.79 -10.07 5.52
N THR A 511 -0.37 -10.24 4.88
CA THR A 511 -1.53 -9.42 5.19
C THR A 511 -2.21 -9.81 6.50
N ARG A 512 -1.87 -10.95 7.10
CA ARG A 512 -2.46 -11.29 8.38
C ARG A 512 -1.96 -10.38 9.49
N PHE A 513 -0.81 -9.72 9.28
CA PHE A 513 -0.21 -8.88 10.29
C PHE A 513 -0.49 -7.40 10.10
N LEU A 514 -0.70 -6.96 8.86
CA LEU A 514 -1.10 -5.59 8.63
C LEU A 514 -2.55 -5.39 9.05
N SER A 515 -3.01 -4.14 9.02
CA SER A 515 -4.32 -3.80 9.53
C SER A 515 -5.02 -2.81 8.63
N GLY A 516 -6.26 -3.13 8.27
CA GLY A 516 -7.16 -2.20 7.62
C GLY A 516 -6.73 -1.71 6.25
N LYS A 517 -6.49 -0.40 6.14
CA LYS A 517 -6.20 0.21 4.85
C LYS A 517 -4.91 -0.31 4.23
N GLU A 518 -3.99 -0.83 5.05
CA GLU A 518 -2.72 -1.33 4.54
C GLU A 518 -2.94 -2.50 3.59
N ILE A 519 -3.88 -3.38 3.90
CA ILE A 519 -4.15 -4.53 3.03
C ILE A 519 -4.61 -4.04 1.67
N ASN A 520 -5.56 -3.11 1.65
CA ASN A 520 -6.06 -2.58 0.39
C ASN A 520 -4.96 -1.91 -0.39
N ASP A 521 -4.14 -1.11 0.28
CA ASP A 521 -3.05 -0.42 -0.41
C ASP A 521 -2.10 -1.41 -1.06
N LEU A 522 -1.66 -2.42 -0.29
CA LEU A 522 -0.69 -3.38 -0.81
C LEU A 522 -1.27 -4.15 -2.00
N VAL A 523 -2.48 -4.69 -1.84
CA VAL A 523 -3.04 -5.52 -2.90
C VAL A 523 -3.32 -4.70 -4.15
N THR A 524 -3.87 -3.49 -3.98
CA THR A 524 -4.15 -2.63 -5.13
C THR A 524 -2.88 -2.25 -5.86
N THR A 525 -1.83 -1.90 -5.11
CA THR A 525 -0.56 -1.54 -5.76
C THR A 525 0.01 -2.72 -6.53
N LEU A 526 -0.04 -3.92 -5.93
CA LEU A 526 0.48 -5.09 -6.63
C LEU A 526 -0.31 -5.36 -7.90
N ILE A 527 -1.64 -5.25 -7.84
CA ILE A 527 -2.46 -5.48 -9.02
C ILE A 527 -2.11 -4.47 -10.11
N ASN A 528 -1.96 -3.20 -9.73
CA ASN A 528 -1.65 -2.17 -10.71
C ASN A 528 -0.31 -2.44 -11.38
N LYS A 529 0.71 -2.76 -10.60
CA LYS A 529 2.04 -2.98 -11.17
C LYS A 529 2.05 -4.20 -12.08
N PHE A 530 1.40 -5.29 -11.66
CA PHE A 530 1.38 -6.48 -12.52
C PHE A 530 0.61 -6.23 -13.82
N ASP A 531 -0.49 -5.47 -13.74
CA ASP A 531 -1.21 -5.12 -14.95
C ASP A 531 -0.36 -4.28 -15.89
N ASN A 532 0.40 -3.32 -15.35
CA ASN A 532 1.29 -2.52 -16.18
C ASN A 532 2.33 -3.40 -16.85
N ILE A 533 2.90 -4.35 -16.10
CA ILE A 533 3.89 -5.26 -16.68
C ILE A 533 3.27 -6.05 -17.83
N ARG A 534 2.05 -6.55 -17.62
CA ARG A 534 1.38 -7.32 -18.68
C ARG A 534 1.16 -6.47 -19.92
N SER A 535 0.73 -5.21 -19.73
CA SER A 535 0.49 -4.34 -20.87
C SER A 535 1.77 -4.08 -21.65
N PHE A 536 2.87 -3.82 -20.94
CA PHE A 536 4.14 -3.61 -21.63
C PHE A 536 4.57 -4.86 -22.37
N LEU A 537 4.36 -6.04 -21.77
CA LEU A 537 4.74 -7.28 -22.44
C LEU A 537 3.93 -7.48 -23.72
N GLU A 538 2.63 -7.19 -23.67
CA GLU A 538 1.81 -7.31 -24.86
C GLU A 538 2.24 -6.34 -25.95
N ILE A 539 2.56 -5.10 -25.56
CA ILE A 539 3.02 -4.12 -26.54
C ILE A 539 4.31 -4.59 -27.18
N MET A 540 5.25 -5.11 -26.38
CA MET A 540 6.51 -5.59 -26.94
C MET A 540 6.30 -6.78 -27.85
N ASP A 541 5.34 -7.66 -27.53
CA ASP A 541 5.02 -8.74 -28.45
C ASP A 541 4.49 -8.19 -29.77
N GLU A 542 3.61 -7.19 -29.71
CA GLU A 542 3.06 -6.61 -30.92
C GLU A 542 4.15 -5.97 -31.78
N LEU A 543 5.10 -5.30 -31.15
CA LEU A 543 6.14 -4.59 -31.89
C LEU A 543 7.20 -5.50 -32.47
N GLY A 544 7.29 -6.75 -32.02
CA GLY A 544 8.30 -7.65 -32.52
C GLY A 544 9.63 -7.60 -31.80
N LEU A 545 9.65 -7.05 -30.59
CA LEU A 545 10.88 -6.94 -29.82
C LEU A 545 11.09 -8.17 -28.96
N ASP A 546 12.30 -8.31 -28.43
CA ASP A 546 12.63 -9.43 -27.57
C ASP A 546 12.26 -9.11 -26.12
N ARG A 547 11.64 -10.06 -25.43
CA ARG A 547 11.26 -9.89 -24.04
C ARG A 547 11.73 -11.03 -23.15
N THR A 548 12.48 -11.99 -23.70
CA THR A 548 12.84 -13.20 -22.97
C THR A 548 13.67 -12.84 -21.76
N PHE A 549 13.07 -12.94 -20.57
CA PHE A 549 13.77 -12.64 -19.35
C PHE A 549 14.93 -13.62 -19.14
N THR A 550 15.87 -13.24 -18.29
CA THR A 550 16.93 -14.15 -17.92
C THR A 550 16.36 -15.31 -17.12
N ALA A 551 17.13 -16.40 -17.05
CA ALA A 551 16.64 -17.60 -16.38
C ALA A 551 16.30 -17.35 -14.92
N GLU A 552 17.05 -16.44 -14.27
CA GLU A 552 16.79 -16.14 -12.86
C GLU A 552 15.48 -15.39 -12.68
N TYR A 553 14.98 -14.73 -13.73
CA TYR A 553 13.78 -13.91 -13.64
C TYR A 553 12.64 -14.43 -14.51
N SER A 554 12.51 -15.75 -14.62
CA SER A 554 11.38 -16.33 -15.34
C SER A 554 10.06 -16.12 -14.60
N PHE A 555 10.12 -15.62 -13.37
CA PHE A 555 8.92 -15.36 -12.58
C PHE A 555 7.96 -14.43 -13.31
N PHE A 556 8.48 -13.49 -14.07
CA PHE A 556 7.65 -12.46 -14.69
C PHE A 556 7.11 -12.86 -16.06
N GLU A 557 7.52 -14.01 -16.60
CA GLU A 557 6.96 -14.45 -17.88
C GLU A 557 5.48 -14.75 -17.77
N GLY A 558 5.05 -15.32 -16.64
CA GLY A 558 3.65 -15.62 -16.43
C GLY A 558 2.96 -14.60 -15.56
N SER A 559 3.27 -13.32 -15.79
CA SER A 559 2.69 -12.25 -14.97
C SER A 559 1.18 -12.22 -15.06
N THR A 560 0.61 -12.67 -16.17
CA THR A 560 -0.84 -12.72 -16.29
C THR A 560 -1.45 -13.65 -15.26
N LYS A 561 -0.84 -14.81 -15.03
CA LYS A 561 -1.34 -15.73 -14.02
C LYS A 561 -1.29 -15.12 -12.63
N TYR A 562 -0.19 -14.43 -12.31
CA TYR A 562 -0.07 -13.81 -10.99
C TYR A 562 -1.05 -12.66 -10.82
N LEU A 563 -1.39 -11.97 -11.91
CA LEU A 563 -2.40 -10.92 -11.82
C LEU A 563 -3.76 -11.49 -11.43
N ALA A 564 -4.14 -12.62 -12.05
CA ALA A 564 -5.44 -13.20 -11.78
C ALA A 564 -5.56 -13.66 -10.33
N GLU A 565 -4.51 -14.28 -9.79
CA GLU A 565 -4.57 -14.75 -8.42
C GLU A 565 -4.71 -13.58 -7.44
N LEU A 566 -4.03 -12.47 -7.70
CA LEU A 566 -4.14 -11.31 -6.83
C LEU A 566 -5.50 -10.66 -6.95
N VAL A 567 -6.10 -10.65 -8.14
CA VAL A 567 -7.45 -10.13 -8.28
C VAL A 567 -8.44 -11.02 -7.52
N GLU A 568 -8.24 -12.33 -7.59
CA GLU A 568 -9.06 -13.24 -6.78
C GLU A 568 -8.83 -12.99 -5.29
N LEU A 569 -7.58 -12.74 -4.89
CA LEU A 569 -7.28 -12.50 -3.49
C LEU A 569 -7.97 -11.24 -2.99
N ASN A 570 -7.99 -10.18 -3.80
CA ASN A 570 -8.60 -8.93 -3.37
C ASN A 570 -10.09 -9.07 -3.08
N SER A 571 -10.75 -10.06 -3.67
CA SER A 571 -12.18 -10.23 -3.45
C SER A 571 -12.50 -10.72 -2.04
N PHE A 572 -11.69 -11.63 -1.50
CA PHE A 572 -12.01 -12.27 -0.23
C PHE A 572 -11.06 -11.93 0.91
N VAL A 573 -10.00 -11.16 0.67
CA VAL A 573 -9.10 -10.82 1.76
C VAL A 573 -9.84 -9.95 2.77
N LYS A 574 -9.72 -10.30 4.03
CA LYS A 574 -10.61 -9.75 5.05
C LYS A 574 -10.15 -8.42 5.56
N SER A 575 -9.02 -7.91 5.09
CA SER A 575 -8.50 -6.60 5.49
C SER A 575 -8.16 -6.55 6.98
N CYS A 576 -8.28 -7.68 7.66
CA CYS A 576 -7.99 -7.79 9.07
C CYS A 576 -7.98 -9.26 9.44
N SER A 577 -7.61 -9.54 10.69
CA SER A 577 -7.62 -10.88 11.24
C SER A 577 -8.27 -10.84 12.62
N PHE A 578 -9.49 -11.38 12.72
CA PHE A 578 -10.25 -11.28 13.96
C PHE A 578 -9.60 -12.11 15.05
N ASP A 579 -9.61 -11.58 16.26
CA ASP A 579 -8.96 -12.23 17.38
C ASP A 579 -9.74 -13.46 17.83
N ILE A 580 -9.06 -14.33 18.58
CA ILE A 580 -9.72 -15.54 19.08
C ILE A 580 -10.66 -15.19 20.23
N ASN A 581 -11.49 -16.17 20.60
CA ASN A 581 -12.40 -16.02 21.73
C ASN A 581 -11.67 -16.27 23.04
N ALA A 582 -10.54 -15.60 23.24
CA ALA A 582 -9.80 -15.60 24.50
C ALA A 582 -9.62 -14.18 25.02
N LYS A 583 -10.68 -13.38 24.94
CA LYS A 583 -10.59 -11.97 25.31
C LYS A 583 -10.49 -11.77 26.82
N ARG A 584 -10.51 -12.85 27.61
CA ARG A 584 -10.24 -12.73 29.03
C ARG A 584 -8.84 -12.17 29.28
N THR A 585 -7.88 -12.48 28.41
CA THR A 585 -6.54 -11.92 28.55
C THR A 585 -6.47 -10.47 28.09
N MET A 586 -7.27 -10.12 27.06
CA MET A 586 -7.29 -8.75 26.56
C MET A 586 -7.94 -7.79 27.53
N TYR A 587 -8.60 -8.31 28.56
CA TYR A 587 -9.22 -7.46 29.59
C TYR A 587 -8.19 -6.54 30.24
N ARG A 588 -7.03 -7.10 30.60
CA ARG A 588 -6.00 -6.31 31.28
C ARG A 588 -5.44 -5.23 30.36
N ASP A 589 -5.16 -5.58 29.11
CA ASP A 589 -4.62 -4.59 28.18
C ASP A 589 -5.64 -3.49 27.91
N ALA A 590 -6.90 -3.86 27.72
CA ALA A 590 -7.95 -2.87 27.48
C ALA A 590 -8.18 -1.98 28.68
N LEU A 591 -8.02 -2.48 29.89
CA LEU A 591 -8.06 -1.63 31.07
C LEU A 591 -6.84 -0.74 31.20
N ASP A 592 -5.67 -1.22 30.80
CA ASP A 592 -4.45 -0.43 30.95
C ASP A 592 -4.40 0.69 29.93
N ILE A 593 -4.96 0.49 28.74
CA ILE A 593 -4.93 1.54 27.73
C ILE A 593 -5.69 2.77 28.20
N LEU A 594 -6.62 2.60 29.13
CA LEU A 594 -7.32 3.72 29.75
C LEU A 594 -6.73 4.10 31.10
N GLY A 595 -5.72 3.39 31.57
CA GLY A 595 -5.13 3.69 32.86
C GLY A 595 -6.05 3.46 34.03
N ILE A 596 -7.04 2.57 33.88
CA ILE A 596 -7.96 2.30 34.97
C ILE A 596 -7.25 1.63 36.14
N GLU A 597 -6.42 0.62 35.84
CA GLU A 597 -5.70 -0.11 36.87
C GLU A 597 -4.66 0.77 37.55
N ASN A 627 -17.49 -2.08 40.65
CA ASN A 627 -17.49 -3.27 39.81
C ASN A 627 -18.63 -3.21 38.81
N GLY A 628 -18.67 -4.18 37.90
CA GLY A 628 -19.70 -4.19 36.87
C GLY A 628 -19.46 -3.25 35.72
N LEU A 629 -19.27 -1.96 36.02
CA LEU A 629 -18.93 -1.00 34.99
C LEU A 629 -17.63 -1.35 34.29
N ARG A 630 -16.67 -1.91 35.05
CA ARG A 630 -15.38 -2.28 34.48
C ARG A 630 -15.54 -3.25 33.32
N ASN A 631 -16.40 -4.26 33.48
CA ASN A 631 -16.62 -5.20 32.40
C ASN A 631 -17.28 -4.54 31.20
N PHE A 632 -18.15 -3.54 31.44
CA PHE A 632 -18.75 -2.82 30.33
C PHE A 632 -17.70 -2.05 29.54
N ILE A 633 -16.82 -1.34 30.23
CA ILE A 633 -15.76 -0.60 29.55
C ILE A 633 -14.85 -1.57 28.80
N ALA A 634 -14.55 -2.72 29.41
CA ALA A 634 -13.73 -3.71 28.73
C ALA A 634 -14.41 -4.21 27.45
N SER A 635 -15.70 -4.52 27.54
CA SER A 635 -16.42 -5.02 26.38
C SER A 635 -16.50 -3.99 25.27
N ASN A 636 -16.73 -2.73 25.61
CA ASN A 636 -16.79 -1.67 24.60
C ASN A 636 -15.43 -1.36 23.98
N VAL A 637 -14.38 -1.27 24.79
CA VAL A 637 -13.05 -0.99 24.26
C VAL A 637 -12.60 -2.11 23.34
N ILE A 638 -12.70 -3.35 23.79
CA ILE A 638 -12.43 -4.49 22.92
C ILE A 638 -13.48 -4.50 21.80
N ASP A 639 -13.08 -4.99 20.63
CA ASP A 639 -13.89 -5.10 19.43
C ASP A 639 -14.15 -3.75 18.76
N SER A 640 -13.66 -2.65 19.35
CA SER A 640 -13.61 -1.40 18.61
C SER A 640 -12.50 -1.51 17.57
N ASN A 641 -12.82 -1.16 16.32
CA ASN A 641 -11.88 -1.37 15.24
C ASN A 641 -10.59 -0.59 15.45
N ARG A 642 -10.66 0.56 16.13
CA ARG A 642 -9.47 1.35 16.39
C ARG A 642 -8.64 0.80 17.53
N PHE A 643 -9.19 -0.10 18.34
CA PHE A 643 -8.39 -0.73 19.38
C PHE A 643 -7.52 -1.85 18.83
N LYS A 644 -7.95 -2.50 17.75
CA LYS A 644 -7.15 -3.55 17.15
C LYS A 644 -5.81 -3.01 16.67
N TYR A 645 -5.83 -1.86 16.00
CA TYR A 645 -4.60 -1.25 15.52
C TYR A 645 -3.72 -0.81 16.68
N LEU A 646 -4.33 -0.30 17.74
CA LEU A 646 -3.56 0.26 18.85
C LEU A 646 -2.82 -0.83 19.61
N VAL A 647 -3.44 -2.00 19.80
CA VAL A 647 -2.81 -3.04 20.59
C VAL A 647 -1.86 -3.89 19.78
N ARG A 648 -1.93 -3.83 18.45
CA ARG A 648 -0.99 -4.57 17.62
C ARG A 648 0.30 -3.79 17.42
N TYR A 649 0.19 -2.55 16.95
CA TYR A 649 1.36 -1.75 16.64
C TYR A 649 1.84 -0.91 17.81
N GLY A 650 1.16 -0.97 18.95
CA GLY A 650 1.58 -0.22 20.12
C GLY A 650 1.51 -1.02 21.40
N ASN A 651 1.92 -0.41 22.51
CA ASN A 651 1.90 -1.07 23.80
C ASN A 651 0.89 -0.33 24.66
N PRO A 652 -0.05 -1.04 25.30
CA PRO A 652 -1.15 -0.37 25.97
C PRO A 652 -0.74 0.65 27.03
N LYS A 653 0.23 0.32 27.88
CA LYS A 653 0.61 1.25 28.93
C LYS A 653 1.36 2.45 28.37
N LYS A 654 2.15 2.25 27.32
CA LYS A 654 2.88 3.36 26.73
C LYS A 654 1.93 4.36 26.07
N ILE A 655 0.87 3.85 25.44
CA ILE A 655 -0.06 4.73 24.72
C ILE A 655 -0.73 5.69 25.68
N ARG A 656 -1.05 5.25 26.90
CA ARG A 656 -1.71 6.12 27.86
C ARG A 656 -0.84 7.30 28.25
N GLU A 657 0.47 7.08 28.40
CA GLU A 657 1.34 8.17 28.82
C GLU A 657 1.45 9.23 27.73
N THR A 658 1.46 8.83 26.46
CA THR A 658 1.55 9.80 25.38
C THR A 658 0.25 10.57 25.21
N ALA A 659 -0.85 10.08 25.78
CA ALA A 659 -2.07 10.85 25.80
C ALA A 659 -1.99 12.05 26.74
N LYS A 660 -0.98 12.08 27.60
CA LYS A 660 -0.77 13.21 28.50
C LYS A 660 0.01 14.34 27.86
N CYS A 661 0.59 14.12 26.67
CA CYS A 661 1.33 15.16 25.99
C CYS A 661 0.35 16.07 25.25
N LYS A 662 0.10 17.25 25.82
CA LYS A 662 -1.00 18.09 25.35
C LYS A 662 -0.89 18.52 23.89
N PRO A 663 0.26 19.01 23.39
CA PRO A 663 0.30 19.44 21.98
C PRO A 663 -0.03 18.33 21.01
N ALA A 664 0.40 17.10 21.30
CA ALA A 664 0.14 15.99 20.39
C ALA A 664 -1.35 15.71 20.28
N VAL A 665 -2.07 15.75 21.40
CA VAL A 665 -3.52 15.55 21.37
C VAL A 665 -4.20 16.73 20.69
N ARG A 666 -3.77 17.95 21.02
CA ARG A 666 -4.42 19.14 20.47
C ARG A 666 -4.30 19.19 18.96
N PHE A 667 -3.16 18.76 18.41
CA PHE A 667 -3.00 18.78 16.96
C PHE A 667 -3.98 17.83 16.29
N VAL A 668 -4.19 16.65 16.87
CA VAL A 668 -5.08 15.67 16.25
C VAL A 668 -6.51 16.19 16.21
N LEU A 669 -6.97 16.81 17.30
CA LEU A 669 -8.32 17.33 17.34
C LEU A 669 -8.54 18.45 16.34
N ASN A 670 -7.47 19.20 16.01
CA ASN A 670 -7.60 20.23 14.99
C ASN A 670 -7.86 19.66 13.60
N GLU A 671 -7.36 18.46 13.32
CA GLU A 671 -7.61 17.84 12.03
C GLU A 671 -9.04 17.34 11.89
N ILE A 672 -9.70 17.03 12.99
CA ILE A 672 -11.11 16.65 12.95
C ILE A 672 -11.94 17.90 12.65
N PRO A 673 -12.86 17.84 11.70
CA PRO A 673 -13.60 19.04 11.31
C PRO A 673 -14.44 19.59 12.46
N ASP A 674 -14.90 20.83 12.28
CA ASP A 674 -15.61 21.52 13.35
C ASP A 674 -16.94 20.87 13.66
N ALA A 675 -17.63 20.33 12.65
CA ALA A 675 -18.91 19.68 12.89
C ALA A 675 -18.75 18.47 13.78
N GLN A 676 -17.73 17.65 13.52
CA GLN A 676 -17.52 16.44 14.31
C GLN A 676 -17.18 16.76 15.75
N ILE A 677 -16.34 17.78 15.97
CA ILE A 677 -15.99 18.18 17.34
C ILE A 677 -17.23 18.57 18.12
N GLU A 678 -18.15 19.28 17.48
CA GLU A 678 -19.39 19.68 18.14
C GLU A 678 -20.18 18.45 18.59
N ARG A 679 -20.21 17.43 17.74
CA ARG A 679 -20.94 16.20 18.11
C ARG A 679 -20.35 15.56 19.35
N TYR A 680 -19.01 15.45 19.42
CA TYR A 680 -18.39 14.82 20.58
C TYR A 680 -18.66 15.61 21.85
N TYR A 681 -18.54 16.93 21.79
CA TYR A 681 -18.75 17.75 22.98
C TYR A 681 -20.18 17.63 23.49
N GLU A 682 -21.15 17.55 22.57
CA GLU A 682 -22.54 17.43 22.98
C GLU A 682 -22.76 16.14 23.77
N ALA A 683 -22.12 15.05 23.37
CA ALA A 683 -22.27 13.79 24.08
C ALA A 683 -21.37 13.72 25.31
N CYS A 684 -20.13 14.20 25.21
CA CYS A 684 -19.17 14.04 26.29
C CYS A 684 -19.50 14.89 27.51
N CYS A 685 -20.07 16.08 27.32
CA CYS A 685 -20.43 16.97 28.43
C CYS A 685 -21.84 17.51 28.20
N PRO A 686 -22.86 16.69 28.42
CA PRO A 686 -24.26 17.13 28.27
C PRO A 686 -24.63 18.26 29.22
N CYS A 692 -20.79 27.37 22.68
CA CYS A 692 -19.44 27.75 23.11
C CYS A 692 -18.52 27.95 21.92
N SER A 693 -17.38 28.57 22.16
CA SER A 693 -16.41 28.84 21.10
C SER A 693 -15.86 27.52 20.55
N ALA A 694 -15.63 27.50 19.24
CA ALA A 694 -15.11 26.29 18.60
C ALA A 694 -13.72 25.94 19.11
N ASN A 695 -12.83 26.94 19.24
CA ASN A 695 -11.49 26.68 19.76
C ASN A 695 -11.55 26.21 21.21
N LYS A 696 -12.39 26.84 22.04
CA LYS A 696 -12.49 26.46 23.43
C LYS A 696 -13.05 25.05 23.59
N ARG A 697 -13.86 24.60 22.64
CA ARG A 697 -14.42 23.25 22.71
C ARG A 697 -13.32 22.21 22.64
N ARG A 698 -12.34 22.42 21.78
CA ARG A 698 -11.23 21.46 21.67
C ARG A 698 -10.35 21.48 22.92
N GLU A 699 -10.13 22.66 23.49
CA GLU A 699 -9.27 22.76 24.67
C GLU A 699 -9.86 21.98 25.83
N LYS A 700 -11.16 22.11 26.06
CA LYS A 700 -11.80 21.33 27.12
C LYS A 700 -11.74 19.84 26.82
N LEU A 701 -11.93 19.48 25.55
CA LEU A 701 -11.87 18.07 25.16
C LEU A 701 -10.49 17.49 25.39
N ALA A 702 -9.44 18.25 25.05
CA ALA A 702 -8.08 17.76 25.24
C ALA A 702 -7.75 17.62 26.72
N ASP A 703 -8.33 18.45 27.57
CA ASP A 703 -8.14 18.30 29.00
C ASP A 703 -8.71 16.98 29.50
N MET A 704 -9.88 16.59 29.00
CA MET A 704 -10.56 15.42 29.52
C MET A 704 -9.92 14.13 29.00
N ILE A 705 -9.43 14.15 27.76
CA ILE A 705 -8.82 12.96 27.19
C ILE A 705 -7.48 12.66 27.86
N ALA A 706 -6.79 13.70 28.33
CA ALA A 706 -5.48 13.49 28.95
C ALA A 706 -5.61 13.00 30.38
N GLU A 707 -6.60 13.52 31.11
CA GLU A 707 -6.81 13.18 32.52
C GLU A 707 -7.92 12.15 32.72
N ILE A 708 -8.06 11.19 31.80
CA ILE A 708 -9.14 10.22 31.91
C ILE A 708 -8.86 9.27 33.06
N LYS A 709 -9.88 9.05 33.89
CA LYS A 709 -9.76 8.14 35.02
C LYS A 709 -11.04 7.31 35.14
N PHE A 710 -11.01 6.36 36.06
CA PHE A 710 -12.20 5.53 36.31
C PHE A 710 -13.34 6.40 36.82
N GLU A 711 -13.02 7.36 37.70
CA GLU A 711 -14.06 8.18 38.31
C GLU A 711 -14.86 8.95 37.27
N ASN A 712 -14.23 9.29 36.14
CA ASN A 712 -14.96 9.99 35.07
C ASN A 712 -16.08 9.14 34.51
N PHE A 713 -15.96 7.81 34.57
CA PHE A 713 -16.98 6.93 34.03
C PHE A 713 -18.15 6.71 34.97
N SER A 714 -18.05 7.14 36.22
CA SER A 714 -19.12 6.94 37.20
C SER A 714 -20.33 7.81 36.87
N SER A 729 -31.28 9.25 33.56
CA SER A 729 -31.31 7.84 33.91
C SER A 729 -29.96 7.19 33.66
N GLU A 730 -29.95 5.86 33.60
CA GLU A 730 -28.71 5.14 33.32
C GLU A 730 -28.38 5.15 31.83
N ALA A 731 -29.38 5.39 30.99
CA ALA A 731 -29.14 5.34 29.54
C ALA A 731 -28.16 6.41 29.09
N GLU A 732 -28.30 7.65 29.58
CA GLU A 732 -27.38 8.70 29.18
C GLU A 732 -25.97 8.44 29.69
N ILE A 733 -25.83 7.95 30.92
CA ILE A 733 -24.50 7.63 31.44
C ILE A 733 -23.87 6.50 30.65
N LYS A 734 -24.68 5.54 30.19
CA LYS A 734 -24.16 4.49 29.30
C LYS A 734 -23.71 5.09 27.97
N ARG A 735 -24.48 6.04 27.45
CA ARG A 735 -24.11 6.67 26.18
C ARG A 735 -22.90 7.57 26.34
N LYS A 736 -22.78 8.24 27.48
CA LYS A 736 -21.66 9.14 27.72
C LYS A 736 -20.34 8.38 27.69
N ASN A 737 -20.28 7.22 28.35
CA ASN A 737 -19.04 6.46 28.40
C ASN A 737 -18.67 5.91 27.03
N GLN A 738 -19.67 5.55 26.23
CA GLN A 738 -19.38 5.09 24.87
C GLN A 738 -18.74 6.20 24.03
N ALA A 739 -19.18 7.44 24.23
CA ALA A 739 -18.60 8.55 23.49
C ALA A 739 -17.16 8.81 23.93
N ILE A 740 -16.90 8.75 25.24
CA ILE A 740 -15.57 9.04 25.74
C ILE A 740 -14.58 8.00 25.25
N ILE A 741 -14.97 6.73 25.29
CA ILE A 741 -14.10 5.66 24.80
C ILE A 741 -13.82 5.84 23.32
N ARG A 742 -14.86 6.15 22.55
CA ARG A 742 -14.70 6.31 21.11
C ARG A 742 -13.78 7.48 20.79
N LEU A 743 -13.84 8.54 21.59
CA LEU A 743 -13.02 9.71 21.33
C LEU A 743 -11.56 9.43 21.64
N TYR A 744 -11.28 8.81 22.80
CA TYR A 744 -9.90 8.56 23.19
C TYR A 744 -9.21 7.63 22.20
N LEU A 745 -9.90 6.58 21.78
CA LEU A 745 -9.31 5.65 20.83
C LEU A 745 -9.14 6.29 19.46
N THR A 746 -10.07 7.16 19.06
CA THR A 746 -9.97 7.80 17.75
C THR A 746 -8.74 8.69 17.66
N VAL A 747 -8.48 9.47 18.70
CA VAL A 747 -7.32 10.37 18.70
C VAL A 747 -6.03 9.57 18.70
N MET A 748 -5.97 8.54 19.55
CA MET A 748 -4.76 7.73 19.64
C MET A 748 -4.51 6.96 18.35
N TYR A 749 -5.57 6.52 17.68
CA TYR A 749 -5.43 5.80 16.41
C TYR A 749 -4.87 6.70 15.33
N ILE A 750 -5.32 7.96 15.28
CA ILE A 750 -4.89 8.88 14.23
C ILE A 750 -3.42 9.19 14.35
N MET A 751 -2.94 9.46 15.57
CA MET A 751 -1.56 9.85 15.76
C MET A 751 -0.61 8.70 15.47
N LEU A 752 -0.94 7.50 15.95
CA LEU A 752 -0.07 6.35 15.71
C LEU A 752 -0.06 5.96 14.25
N LYS A 753 -1.21 6.01 13.58
CA LYS A 753 -1.26 5.63 12.17
C LYS A 753 -0.40 6.55 11.32
N ASN A 754 -0.50 7.87 11.56
CA ASN A 754 0.26 8.82 10.77
C ASN A 754 1.75 8.67 11.01
N LEU A 755 2.16 8.44 12.26
CA LEU A 755 3.59 8.29 12.56
C LEU A 755 4.15 7.05 11.88
N VAL A 756 3.41 5.94 11.91
CA VAL A 756 3.87 4.72 11.25
C VAL A 756 3.97 4.93 9.75
N ASN A 757 2.97 5.58 9.15
CA ASN A 757 3.01 5.84 7.72
C ASN A 757 4.18 6.75 7.34
N VAL A 758 4.47 7.76 8.15
CA VAL A 758 5.61 8.62 7.88
C VAL A 758 6.91 7.81 7.95
N ASN A 759 7.03 6.95 8.96
CA ASN A 759 8.23 6.13 9.10
C ASN A 759 8.36 5.17 7.92
N ALA A 760 7.27 4.85 7.25
CA ALA A 760 7.34 3.99 6.07
C ALA A 760 8.01 4.71 4.91
N ARG A 761 7.95 6.03 4.89
CA ARG A 761 8.58 6.78 3.81
C ARG A 761 10.09 6.65 3.85
N TYR A 762 10.67 6.46 5.02
CA TYR A 762 12.12 6.37 5.15
C TYR A 762 12.65 4.96 4.96
N VAL A 763 11.84 3.93 5.24
CA VAL A 763 12.27 2.59 4.88
C VAL A 763 12.35 2.47 3.36
N ILE A 764 11.47 3.19 2.64
CA ILE A 764 11.60 3.28 1.19
C ILE A 764 12.97 3.85 0.82
N ALA A 765 13.34 4.94 1.49
CA ALA A 765 14.60 5.61 1.16
C ALA A 765 15.79 4.72 1.42
N PHE A 766 15.80 4.01 2.55
CA PHE A 766 16.95 3.18 2.85
C PHE A 766 16.98 1.93 1.98
N HIS A 767 15.83 1.38 1.62
CA HIS A 767 15.79 0.30 0.66
C HIS A 767 16.34 0.75 -0.69
N CYS A 768 15.96 1.95 -1.11
CA CYS A 768 16.47 2.49 -2.37
C CYS A 768 17.98 2.69 -2.29
N VAL A 769 18.49 3.14 -1.15
CA VAL A 769 19.93 3.31 -0.99
C VAL A 769 20.65 1.98 -1.13
N GLU A 770 20.18 0.97 -0.38
CA GLU A 770 20.85 -0.32 -0.40
C GLU A 770 20.71 -1.04 -1.74
N ARG A 771 19.68 -0.72 -2.51
CA ARG A 771 19.54 -1.29 -3.85
C ARG A 771 20.43 -0.56 -4.86
N ASP A 772 20.41 0.78 -4.81
CA ASP A 772 21.20 1.56 -5.74
C ASP A 772 22.69 1.40 -5.51
N THR A 773 23.11 1.07 -4.29
CA THR A 773 24.52 0.81 -4.05
C THR A 773 25.00 -0.34 -4.92
N LYS A 774 24.29 -1.47 -4.88
CA LYS A 774 24.68 -2.61 -5.70
C LYS A 774 24.46 -2.32 -7.19
N LEU A 775 23.43 -1.56 -7.53
CA LEU A 775 23.21 -1.24 -8.94
C LEU A 775 24.36 -0.43 -9.51
N TYR A 776 24.82 0.58 -8.76
CA TYR A 776 25.96 1.38 -9.22
C TYR A 776 27.25 0.59 -9.15
N ALA A 777 27.32 -0.40 -8.25
CA ALA A 777 28.50 -1.25 -8.18
C ALA A 777 28.71 -2.01 -9.50
N GLU A 778 27.63 -2.52 -10.09
CA GLU A 778 27.74 -3.22 -11.36
C GLU A 778 28.08 -2.27 -12.50
N SER A 779 27.73 -0.99 -12.36
CA SER A 779 27.97 -0.03 -13.43
C SER A 779 29.42 0.40 -13.54
N GLY A 780 30.27 0.02 -12.59
CA GLY A 780 31.67 0.39 -12.61
C GLY A 780 32.05 1.53 -11.68
N LEU A 781 31.09 2.11 -10.96
CA LEU A 781 31.39 3.17 -10.02
C LEU A 781 31.75 2.58 -8.67
N GLU A 782 32.91 2.97 -8.14
CA GLU A 782 33.32 2.50 -6.82
C GLU A 782 32.50 3.21 -5.75
N VAL A 783 31.92 2.43 -4.83
CA VAL A 783 30.97 2.98 -3.88
C VAL A 783 31.49 2.85 -2.46
N GLY A 784 32.31 1.83 -2.21
CA GLY A 784 32.71 1.54 -0.85
C GLY A 784 31.68 0.66 -0.17
N ASN A 785 31.96 0.36 1.10
CA ASN A 785 31.11 -0.55 1.87
C ASN A 785 29.96 0.26 2.47
N ILE A 786 28.74 -0.06 2.05
CA ILE A 786 27.58 0.73 2.46
C ILE A 786 27.22 0.47 3.92
N GLU A 787 27.64 -0.67 4.47
CA GLU A 787 27.23 -1.03 5.82
C GLU A 787 27.86 -0.13 6.88
N LYS A 788 29.17 0.10 6.80
CA LYS A 788 29.85 0.87 7.83
C LYS A 788 29.62 2.37 7.72
N ASN A 789 29.23 2.86 6.53
CA ASN A 789 28.95 4.28 6.35
C ASN A 789 27.92 4.38 5.23
N LYS A 790 26.71 4.85 5.58
CA LYS A 790 25.63 4.84 4.61
C LYS A 790 25.64 6.05 3.69
N THR A 791 26.56 6.99 3.91
CA THR A 791 26.70 8.14 3.03
C THR A 791 27.69 7.90 1.90
N ASN A 792 28.10 6.65 1.69
CA ASN A 792 29.11 6.37 0.67
C ASN A 792 28.53 6.48 -0.74
N LEU A 793 27.27 6.10 -0.92
CA LEU A 793 26.67 6.14 -2.25
C LEU A 793 26.63 7.57 -2.79
N THR A 794 26.19 8.51 -1.96
CA THR A 794 26.14 9.89 -2.41
C THR A 794 27.53 10.47 -2.61
N MET A 795 28.52 9.96 -1.89
CA MET A 795 29.90 10.39 -2.11
C MET A 795 30.45 9.82 -3.41
N ALA A 796 30.04 8.59 -3.75
CA ALA A 796 30.48 7.99 -5.01
C ALA A 796 29.91 8.73 -6.20
N VAL A 797 28.66 9.18 -6.11
CA VAL A 797 28.02 9.86 -7.23
C VAL A 797 28.69 11.20 -7.49
N MET A 798 28.97 11.97 -6.44
CA MET A 798 29.56 13.29 -6.60
C MET A 798 31.07 13.26 -6.84
N GLY A 799 31.69 12.08 -6.78
CA GLY A 799 33.12 11.99 -6.99
C GLY A 799 33.95 12.62 -5.88
N VAL A 800 33.54 12.45 -4.63
CA VAL A 800 34.31 12.92 -3.48
C VAL A 800 34.59 11.73 -2.58
N LYS A 801 35.72 11.80 -1.87
CA LYS A 801 36.17 10.71 -1.02
C LYS A 801 36.53 11.24 0.35
N LEU A 802 36.19 10.46 1.37
CA LEU A 802 36.56 10.80 2.74
C LEU A 802 38.07 10.77 2.91
N GLU A 803 38.61 11.76 3.61
CA GLU A 803 40.03 11.83 3.91
C GLU A 803 40.21 12.28 5.36
N ASN A 804 40.72 11.37 6.19
CA ASN A 804 40.93 11.63 7.62
C ASN A 804 39.63 11.95 8.33
N GLY A 805 38.51 11.51 7.78
CA GLY A 805 37.22 11.70 8.41
C GLY A 805 36.45 12.94 7.99
N ILE A 806 36.98 13.76 7.09
CA ILE A 806 36.31 14.96 6.63
C ILE A 806 36.42 15.05 5.11
N ILE A 807 35.53 15.83 4.52
CA ILE A 807 35.53 16.09 3.08
C ILE A 807 36.36 17.35 2.86
N LYS A 808 37.60 17.17 2.40
CA LYS A 808 38.50 18.31 2.22
C LYS A 808 38.37 18.95 0.85
N THR A 809 37.58 18.36 -0.05
CA THR A 809 37.43 18.90 -1.40
C THR A 809 36.34 19.96 -1.41
N GLU A 810 36.72 21.19 -1.71
CA GLU A 810 35.75 22.28 -1.79
C GLU A 810 35.00 22.22 -3.12
N PHE A 811 33.96 23.03 -3.22
CA PHE A 811 33.09 23.00 -4.39
C PHE A 811 33.79 23.60 -5.61
N ASP A 812 33.48 23.03 -6.77
CA ASP A 812 33.91 23.58 -8.05
C ASP A 812 32.96 23.07 -9.13
N LYS A 813 32.80 23.86 -10.19
CA LYS A 813 31.87 23.49 -11.25
C LYS A 813 32.31 22.25 -12.00
N SER A 814 33.62 21.94 -11.97
CA SER A 814 34.11 20.76 -12.68
C SER A 814 33.53 19.48 -12.09
N PHE A 815 33.45 19.40 -10.76
CA PHE A 815 32.89 18.22 -10.12
C PHE A 815 31.40 18.05 -10.40
N ALA A 816 30.68 19.16 -10.56
CA ALA A 816 29.25 19.08 -10.83
C ALA A 816 28.98 18.43 -12.18
N GLU A 817 29.76 18.81 -13.21
CA GLU A 817 29.51 18.28 -14.55
C GLU A 817 29.82 16.79 -14.64
N ASN A 818 30.82 16.32 -13.89
CA ASN A 818 31.22 14.92 -13.93
C ASN A 818 30.46 14.05 -12.94
N ALA A 819 29.28 14.47 -12.51
CA ALA A 819 28.50 13.68 -11.59
C ALA A 819 28.02 12.38 -12.26
N ALA A 820 27.73 11.38 -11.43
CA ALA A 820 27.33 10.08 -11.94
C ALA A 820 25.91 10.05 -12.49
N ASN A 821 25.01 10.89 -11.99
CA ASN A 821 23.62 10.88 -12.41
C ASN A 821 23.15 12.30 -12.71
N ARG A 822 22.05 12.38 -13.46
CA ARG A 822 21.55 13.67 -13.91
C ARG A 822 21.00 14.52 -12.77
N TYR A 823 20.60 13.90 -11.66
CA TYR A 823 20.05 14.67 -10.54
C TYR A 823 21.07 15.65 -9.98
N LEU A 824 22.30 15.20 -9.78
CA LEU A 824 23.32 16.00 -9.12
C LEU A 824 24.17 16.81 -10.09
N ARG A 825 23.86 16.76 -11.39
CA ARG A 825 24.48 17.69 -12.31
C ARG A 825 23.92 19.11 -12.18
N ASN A 826 22.85 19.29 -11.40
CA ASN A 826 22.39 20.60 -11.01
C ASN A 826 23.49 21.30 -10.22
N ALA A 827 23.94 22.46 -10.70
CA ALA A 827 25.03 23.16 -10.04
C ALA A 827 24.65 23.58 -8.62
N ARG A 828 23.42 24.06 -8.43
CA ARG A 828 23.01 24.53 -7.12
C ARG A 828 22.96 23.40 -6.10
N TRP A 829 22.29 22.30 -6.45
CA TRP A 829 21.97 21.29 -5.44
C TRP A 829 23.18 20.42 -5.10
N TYR A 830 24.22 20.43 -5.94
CA TYR A 830 25.48 19.82 -5.54
C TYR A 830 26.07 20.56 -4.35
N LYS A 831 26.02 21.89 -4.38
CA LYS A 831 26.58 22.68 -3.29
C LYS A 831 25.81 22.45 -1.99
N LEU A 832 24.48 22.40 -2.06
CA LEU A 832 23.69 22.20 -0.84
C LEU A 832 23.96 20.82 -0.24
N ILE A 833 24.02 19.79 -1.07
CA ILE A 833 24.25 18.44 -0.56
C ILE A 833 25.67 18.33 0.00
N LEU A 834 26.66 18.88 -0.71
CA LEU A 834 28.04 18.82 -0.24
C LEU A 834 28.19 19.56 1.08
N ASP A 835 27.53 20.70 1.23
CA ASP A 835 27.57 21.42 2.51
C ASP A 835 26.95 20.59 3.62
N ASN A 836 25.91 19.82 3.30
CA ASN A 836 25.23 19.04 4.32
C ASN A 836 26.02 17.80 4.71
N LEU A 837 26.79 17.23 3.78
CA LEU A 837 27.61 16.07 4.11
C LEU A 837 28.68 16.41 5.13
N LYS A 838 29.25 17.62 5.03
CA LYS A 838 30.27 18.03 5.99
C LYS A 838 29.71 18.09 7.39
N LYS A 839 28.42 18.43 7.53
CA LYS A 839 27.80 18.54 8.84
C LYS A 839 27.31 17.21 9.38
N SER A 840 27.26 16.17 8.55
CA SER A 840 26.74 14.88 8.99
C SER A 840 27.82 14.09 9.73
N GLU A 841 27.38 13.05 10.42
CA GLU A 841 28.27 12.17 11.18
C GLU A 841 27.90 10.73 10.90
N ARG A 842 28.89 9.85 10.89
CA ARG A 842 28.67 8.45 10.52
C ARG A 842 27.77 7.74 11.51
N ALA A 843 28.07 7.88 12.81
CA ALA A 843 27.30 7.18 13.83
C ALA A 843 25.86 7.66 13.86
N VAL A 844 25.64 8.96 13.66
CA VAL A 844 24.29 9.50 13.65
C VAL A 844 23.47 8.89 12.52
N VAL A 845 24.05 8.80 11.33
CA VAL A 845 23.32 8.22 10.20
C VAL A 845 23.07 6.74 10.41
N ASN A 846 24.05 6.02 10.98
CA ASN A 846 23.85 4.60 11.24
C ASN A 846 22.72 4.38 12.24
N GLU A 847 22.69 5.18 13.31
CA GLU A 847 21.61 5.04 14.28
C GLU A 847 20.27 5.48 13.72
N PHE A 848 20.27 6.46 12.81
CA PHE A 848 19.03 6.83 12.13
C PHE A 848 18.52 5.68 11.28
N ARG A 849 19.43 4.98 10.60
CA ARG A 849 19.04 3.81 9.82
C ARG A 849 18.47 2.73 10.72
N ASN A 850 19.12 2.47 11.86
CA ASN A 850 18.65 1.42 12.75
C ASN A 850 17.28 1.78 13.35
N THR A 851 17.09 3.07 13.67
CA THR A 851 15.82 3.50 14.25
C THR A 851 14.67 3.34 13.27
N VAL A 852 14.89 3.70 12.00
CA VAL A 852 13.81 3.69 11.02
C VAL A 852 13.38 2.26 10.70
N CYS A 853 14.34 1.36 10.50
CA CYS A 853 14.03 0.01 10.09
C CYS A 853 13.42 -0.84 11.21
N HIS A 854 13.75 -0.56 12.46
CA HIS A 854 13.17 -1.28 13.59
C HIS A 854 12.07 -0.50 14.28
N LEU A 855 11.74 0.69 13.78
CA LEU A 855 10.66 1.51 14.32
C LEU A 855 10.82 1.78 15.81
N ASN A 856 12.05 2.03 16.25
CA ASN A 856 12.28 2.33 17.66
C ASN A 856 11.74 3.69 18.03
N ALA A 857 11.52 4.57 17.06
CA ALA A 857 10.95 5.88 17.36
C ALA A 857 9.53 5.76 17.87
N ILE A 858 8.78 4.79 17.37
CA ILE A 858 7.41 4.58 17.84
C ILE A 858 7.37 3.65 19.05
N ARG A 859 8.34 2.74 19.16
CA ARG A 859 8.38 1.84 20.31
C ARG A 859 8.65 2.60 21.60
N ASN A 860 9.38 3.70 21.53
CA ASN A 860 9.69 4.52 22.69
C ASN A 860 9.02 5.89 22.61
N ILE A 861 7.79 5.92 22.09
CA ILE A 861 6.97 7.11 22.13
C ILE A 861 6.63 7.54 23.56
N ASN A 862 6.90 6.68 24.53
CA ASN A 862 6.67 7.02 25.93
C ASN A 862 7.59 8.14 26.38
N ILE A 863 8.88 8.06 26.04
CA ILE A 863 9.86 8.99 26.57
C ILE A 863 10.14 10.11 25.58
N ASN A 864 10.20 9.79 24.29
CA ASN A 864 10.68 10.73 23.28
C ASN A 864 9.75 11.92 23.06
N ILE A 865 8.51 11.86 23.58
CA ILE A 865 7.54 12.92 23.33
C ILE A 865 7.28 13.78 24.57
N LYS A 866 8.09 13.62 25.62
CA LYS A 866 7.73 14.16 26.93
C LYS A 866 7.66 15.69 26.93
N GLU A 867 8.64 16.35 26.33
CA GLU A 867 8.84 17.79 26.54
C GLU A 867 8.47 18.64 25.34
N ILE A 868 7.67 18.13 24.41
CA ILE A 868 7.39 18.88 23.18
C ILE A 868 6.57 20.12 23.51
N LYS A 869 6.63 21.11 22.61
CA LYS A 869 5.96 22.40 22.83
C LYS A 869 4.84 22.64 21.83
N GLU A 870 5.12 22.49 20.54
CA GLU A 870 4.12 22.73 19.51
C GLU A 870 4.35 21.79 18.34
N VAL A 871 3.27 21.22 17.83
CA VAL A 871 3.31 20.32 16.70
C VAL A 871 2.62 21.01 15.52
N GLU A 872 3.38 21.28 14.46
CA GLU A 872 2.83 21.92 13.28
C GLU A 872 2.31 20.93 12.25
N ASN A 873 2.90 19.74 12.20
CA ASN A 873 2.44 18.68 11.31
C ASN A 873 3.06 17.36 11.78
N TYR A 874 2.59 16.27 11.19
CA TYR A 874 3.09 14.95 11.58
C TYR A 874 4.55 14.77 11.20
N PHE A 875 5.03 15.55 10.23
CA PHE A 875 6.47 15.55 9.93
C PHE A 875 7.27 16.05 11.12
N ALA A 876 6.83 17.17 11.71
CA ALA A 876 7.52 17.71 12.87
C ALA A 876 7.45 16.76 14.05
N LEU A 877 6.28 16.17 14.29
CA LEU A 877 6.13 15.26 15.41
C LEU A 877 7.02 14.04 15.25
N TYR A 878 7.08 13.49 14.03
CA TYR A 878 7.90 12.31 13.78
C TYR A 878 9.38 12.64 13.95
N HIS A 879 9.82 13.75 13.38
CA HIS A 879 11.25 14.05 13.44
C HIS A 879 11.68 14.51 14.83
N TYR A 880 10.74 15.02 15.64
CA TYR A 880 11.09 15.31 17.03
C TYR A 880 11.35 14.04 17.81
N LEU A 881 10.59 12.98 17.51
CA LEU A 881 10.78 11.71 18.21
C LEU A 881 12.15 11.12 17.90
N ILE A 882 12.57 11.19 16.63
CA ILE A 882 13.84 10.63 16.22
C ILE A 882 14.99 11.42 16.83
N GLN A 883 14.90 12.75 16.79
CA GLN A 883 15.99 13.58 17.29
C GLN A 883 16.17 13.40 18.79
N LYS A 884 15.07 13.29 19.54
CA LYS A 884 15.19 13.02 20.98
C LYS A 884 15.79 11.66 21.23
N HIS A 885 15.44 10.66 20.42
CA HIS A 885 16.05 9.33 20.55
C HIS A 885 17.55 9.40 20.28
N LEU A 886 17.95 10.17 19.27
CA LEU A 886 19.38 10.33 19.00
C LEU A 886 20.08 11.05 20.14
N GLU A 887 19.40 12.01 20.77
CA GLU A 887 19.97 12.68 21.93
C GLU A 887 20.18 11.70 23.08
N ASN A 888 19.18 10.85 23.33
CA ASN A 888 19.30 9.87 24.40
C ASN A 888 20.40 8.84 24.11
N ARG A 889 20.55 8.47 22.84
CA ARG A 889 21.52 7.42 22.50
C ARG A 889 22.95 7.92 22.60
N PHE A 890 23.19 9.18 22.26
CA PHE A 890 24.54 9.73 22.23
C PHE A 890 24.86 10.62 23.43
N ALA A 891 24.01 10.64 24.45
CA ALA A 891 24.28 11.48 25.61
C ALA A 891 25.51 11.01 26.38
N ASP A 892 25.83 9.72 26.28
CA ASP A 892 26.94 9.15 27.03
C ASP A 892 28.21 9.02 26.20
N LYS A 893 28.23 9.49 24.96
CA LYS A 893 29.37 9.31 24.06
C LYS A 893 29.78 10.65 23.48
N LYS A 894 31.02 10.70 22.99
CA LYS A 894 31.52 11.87 22.30
C LYS A 894 30.79 12.08 20.98
N VAL A 895 30.46 13.34 20.68
CA VAL A 895 29.80 13.69 19.43
C VAL A 895 30.57 14.82 18.77
N GLU A 896 30.36 14.96 17.46
CA GLU A 896 31.00 16.03 16.72
C GLU A 896 30.33 17.36 17.02
N ARG A 897 31.00 18.45 16.62
CA ARG A 897 30.55 19.79 16.97
C ARG A 897 29.19 20.11 16.37
N ASP A 898 28.98 19.72 15.10
CA ASP A 898 27.70 20.01 14.46
C ASP A 898 26.55 19.27 15.13
N THR A 899 26.76 18.00 15.49
CA THR A 899 25.72 17.25 16.18
C THR A 899 25.44 17.85 17.55
N GLY A 900 26.48 18.30 18.25
CA GLY A 900 26.27 18.96 19.53
C GLY A 900 25.47 20.24 19.39
N ASP A 901 25.76 21.02 18.36
CA ASP A 901 24.99 22.24 18.12
C ASP A 901 23.53 21.92 17.81
N PHE A 902 23.29 20.87 17.02
CA PHE A 902 21.92 20.48 16.71
C PHE A 902 21.17 20.03 17.97
N ILE A 903 21.84 19.26 18.82
CA ILE A 903 21.21 18.81 20.06
C ILE A 903 20.93 20.00 20.97
N SER A 904 21.85 20.96 21.04
CA SER A 904 21.64 22.15 21.85
C SER A 904 20.45 22.95 21.35
N LYS A 905 20.34 23.12 20.03
CA LYS A 905 19.18 23.83 19.48
C LYS A 905 17.89 23.09 19.77
N LEU A 906 17.91 21.76 19.67
CA LEU A 906 16.73 20.97 19.97
C LEU A 906 16.30 21.15 21.43
N GLU A 907 17.27 21.15 22.35
CA GLU A 907 16.95 21.34 23.75
C GLU A 907 16.42 22.74 24.01
N GLU A 908 17.00 23.76 23.35
CA GLU A 908 16.58 25.13 23.61
C GLU A 908 15.18 25.40 23.08
N HIS A 909 14.90 25.03 21.84
CA HIS A 909 13.63 25.36 21.20
C HIS A 909 12.53 24.34 21.45
N LYS A 910 12.88 23.10 21.78
CA LYS A 910 11.90 22.03 22.00
C LYS A 910 10.99 21.86 20.78
N THR A 911 11.59 21.90 19.60
CA THR A 911 10.93 21.56 18.35
C THR A 911 12.00 20.99 17.43
N TYR A 912 11.57 20.23 16.42
CA TYR A 912 12.52 19.55 15.57
C TYR A 912 13.42 20.56 14.85
N CYS A 913 14.72 20.29 14.86
CA CYS A 913 15.68 21.19 14.21
C CYS A 913 15.69 20.89 12.72
N LYS A 914 15.31 21.89 11.92
CA LYS A 914 15.17 21.68 10.47
C LYS A 914 16.52 21.32 9.85
N ASP A 915 17.59 21.98 10.28
CA ASP A 915 18.91 21.70 9.72
C ASP A 915 19.38 20.30 10.06
N PHE A 916 19.02 19.79 11.24
CA PHE A 916 19.43 18.44 11.62
C PHE A 916 18.82 17.40 10.70
N VAL A 917 17.60 17.65 10.21
CA VAL A 917 16.96 16.72 9.29
C VAL A 917 17.78 16.61 8.00
N LYS A 918 18.27 17.75 7.51
CA LYS A 918 19.08 17.73 6.29
C LYS A 918 20.42 17.04 6.52
N ALA A 919 20.79 16.81 7.77
CA ALA A 919 22.09 16.21 8.06
C ALA A 919 22.03 14.69 7.94
N TYR A 920 21.10 14.05 8.66
CA TYR A 920 21.06 12.60 8.69
C TYR A 920 20.22 12.01 7.57
N CYS A 921 19.55 12.82 6.77
CA CYS A 921 18.88 12.35 5.58
C CYS A 921 19.74 12.47 4.34
N THR A 922 21.03 12.77 4.51
CA THR A 922 21.99 12.90 3.42
C THR A 922 22.29 11.59 2.67
N PRO A 923 22.15 10.39 3.25
CA PRO A 923 22.40 9.18 2.44
C PRO A 923 21.46 9.04 1.26
N PHE A 924 20.32 9.75 1.26
CA PHE A 924 19.42 9.71 0.13
C PHE A 924 19.73 10.79 -0.89
N GLY A 925 20.90 11.40 -0.82
CA GLY A 925 21.17 12.59 -1.61
C GLY A 925 21.31 12.35 -3.10
N TYR A 926 21.60 11.10 -3.48
CA TYR A 926 21.81 10.81 -4.90
C TYR A 926 20.53 10.97 -5.71
N ASN A 927 19.37 10.97 -5.08
CA ASN A 927 18.09 11.22 -5.72
C ASN A 927 17.58 12.55 -5.17
N LEU A 928 17.64 13.59 -6.00
CA LEU A 928 17.33 14.93 -5.53
C LEU A 928 15.88 15.05 -5.09
N VAL A 929 14.96 14.47 -5.85
CA VAL A 929 13.53 14.61 -5.54
C VAL A 929 13.22 13.95 -4.20
N ARG A 930 13.75 12.75 -3.99
CA ARG A 930 13.54 12.06 -2.71
C ARG A 930 14.17 12.84 -1.57
N TYR A 931 15.34 13.43 -1.80
CA TYR A 931 15.99 14.20 -0.74
C TYR A 931 15.15 15.41 -0.35
N LYS A 932 14.63 16.15 -1.34
CA LYS A 932 13.84 17.33 -1.03
C LYS A 932 12.52 16.94 -0.39
N ASN A 933 11.91 15.84 -0.84
CA ASN A 933 10.64 15.43 -0.27
C ASN A 933 10.79 15.04 1.21
N LEU A 934 11.88 14.37 1.55
CA LEU A 934 12.06 13.86 2.90
C LEU A 934 12.85 14.79 3.80
N THR A 935 13.20 15.99 3.34
CA THR A 935 13.89 16.96 4.19
C THR A 935 13.20 18.31 4.29
N ILE A 936 12.37 18.69 3.31
CA ILE A 936 11.68 19.97 3.32
C ILE A 936 10.22 19.70 3.63
N ASP A 937 9.73 20.28 4.73
CA ASP A 937 8.33 20.14 5.09
C ASP A 937 7.46 20.80 4.03
N GLY A 938 6.25 20.26 3.87
CA GLY A 938 5.33 20.74 2.86
C GLY A 938 5.44 20.05 1.52
N LEU A 939 6.64 19.64 1.11
CA LEU A 939 6.81 18.78 -0.05
C LEU A 939 6.70 17.31 0.31
N PHE A 940 6.44 16.99 1.59
CA PHE A 940 6.48 15.61 2.05
C PHE A 940 5.21 14.86 1.71
N ASP A 941 4.07 15.34 2.21
CA ASP A 941 2.80 14.65 2.06
C ASP A 941 2.02 15.27 0.91
N LYS A 942 1.49 14.43 0.02
CA LYS A 942 0.71 14.95 -1.10
C LYS A 942 -0.67 15.41 -0.68
N ASN A 943 -1.13 15.01 0.50
CA ASN A 943 -2.46 15.42 0.96
C ASN A 943 -2.45 16.77 1.65
N TYR A 944 -1.32 17.18 2.21
CA TYR A 944 -1.19 18.47 2.90
C TYR A 944 -0.07 19.26 2.25
N PRO A 945 -0.30 19.79 1.05
CA PRO A 945 0.77 20.51 0.35
C PRO A 945 1.13 21.80 1.06
N GLY A 946 2.38 22.22 0.88
CA GLY A 946 2.88 23.43 1.49
C GLY A 946 3.96 24.06 0.63
N LYS A 947 4.35 25.27 1.03
CA LYS A 947 5.34 26.01 0.26
C LYS A 947 6.74 25.43 0.47
N ASP A 948 7.56 25.55 -0.56
CA ASP A 948 8.95 25.12 -0.47
C ASP A 948 9.74 26.13 0.34
N ASP A 949 10.84 25.66 0.94
CA ASP A 949 11.63 26.48 1.84
C ASP A 949 13.10 26.59 1.44
N SER A 950 13.48 26.04 0.29
CA SER A 950 14.87 26.12 -0.15
C SER A 950 15.14 27.44 -0.89
#